data_6OTT
#
_entry.id   6OTT
#
_cell.length_a   115.230
_cell.length_b   156.830
_cell.length_c   107.480
_cell.angle_alpha   90.000
_cell.angle_beta   90.000
_cell.angle_gamma   90.000
#
_symmetry.space_group_name_H-M   'C 2 2 21'
#
loop_
_entity.id
_entity.type
_entity.pdbx_description
1 polymer 'Amidophosphoribosyltransferase, PurF'
2 non-polymer 'MAGNESIUM ION'
3 non-polymer "adenosine 3',5'-bis(trihydrogen diphosphate)"
#
_entity_poly.entity_id   1
_entity_poly.type   'polypeptide(L)'
_entity_poly.pdbx_seq_one_letter_code
;CGIVGIAGVMPVNQSIYDALTVLQHRGQDAAGIITIDANNCFRLRKANGLVSDVFEARHMQRLQGNMGIGHVRYPTAGSS
SASEAQPFYVNSPYGITLAHNGNLTNAHELRKKLFEEKRRHINTTSDSEILLNIFASELDNFRHYPLEADNIFAAIAATN
RLIRGAYACVAMIIGHGMVAFRDPNGIRPLVLGKRDIDENRTEYMVASESVALDTLGFDFLRDVAPGEAIYITEEGQLFT
RQCADNPVSNPCLFEYVYFARPDSFIDKISVYSARVNMGTKLGEKIAREWEDLDIDVVIPIPETSCDIALEIARILGKPY
RQGFVKNRYVGRTFIMPGQQLRRKSVRRKLNANRAEFRDKNVLLVDDSIVRGTTSEQIIEMAREAGAKKVYLASAAPEIR
FPNVYGIDMPSATELIAHGREVDEIRQIIGADGLIFQDLNDLIDAVRAENPDIQQFECSVFNGVYVTKDVDQGYLDFLDT
LRNDDAKAVQRQNEVENLEMHNEG
;
_entity_poly.pdbx_strand_id   A,B
#
loop_
_chem_comp.id
_chem_comp.type
_chem_comp.name
_chem_comp.formula
MG non-polymer 'MAGNESIUM ION' 'Mg 2'
N7Y non-polymer 'adenosine 3',5'-bis(trihydrogen diphosphate)' 'C10 H17 N5 O16 P4'
#
# COMPACT_ATOMS: atom_id res chain seq x y z
N CYS A 1 -11.01 14.15 3.36
CA CYS A 1 -10.20 15.04 2.50
C CYS A 1 -8.98 15.57 3.23
N GLY A 2 -7.99 16.01 2.48
CA GLY A 2 -6.79 16.60 3.06
C GLY A 2 -6.38 17.83 2.28
N ILE A 3 -5.74 18.76 2.98
CA ILE A 3 -5.36 20.04 2.39
C ILE A 3 -3.91 20.34 2.75
N VAL A 4 -3.26 21.13 1.89
CA VAL A 4 -1.90 21.59 2.11
C VAL A 4 -1.78 23.01 1.58
N GLY A 5 -1.02 23.84 2.30
CA GLY A 5 -0.66 25.16 1.82
C GLY A 5 0.79 25.46 2.17
N ILE A 6 1.58 25.86 1.18
CA ILE A 6 3.00 26.16 1.40
C ILE A 6 3.25 27.58 0.92
N ALA A 7 3.59 28.47 1.85
CA ALA A 7 4.03 29.83 1.54
C ALA A 7 5.54 29.84 1.66
N GLY A 8 6.24 29.70 0.53
CA GLY A 8 7.66 29.52 0.51
C GLY A 8 8.39 30.64 -0.21
N VAL A 9 9.72 30.47 -0.31
CA VAL A 9 10.58 31.39 -1.02
C VAL A 9 11.24 30.74 -2.24
N MET A 10 10.88 29.51 -2.56
CA MET A 10 11.36 28.80 -3.74
C MET A 10 10.23 27.91 -4.24
N PRO A 11 10.31 27.42 -5.47
CA PRO A 11 9.19 26.68 -6.05
C PRO A 11 8.63 25.61 -5.12
N VAL A 12 7.30 25.54 -5.06
CA VAL A 12 6.61 24.68 -4.10
C VAL A 12 5.87 23.53 -4.76
N ASN A 13 5.88 23.43 -6.09
CA ASN A 13 5.05 22.43 -6.76
C ASN A 13 5.40 21.02 -6.27
N GLN A 14 6.69 20.68 -6.26
CA GLN A 14 7.09 19.33 -5.85
C GLN A 14 6.80 19.10 -4.37
N SER A 15 7.01 20.12 -3.54
CA SER A 15 6.74 19.97 -2.12
C SER A 15 5.26 19.68 -1.87
N ILE A 16 4.37 20.44 -2.52
CA ILE A 16 2.94 20.19 -2.37
C ILE A 16 2.61 18.79 -2.84
N TYR A 17 3.15 18.39 -3.98
CA TYR A 17 2.98 17.03 -4.49
C TYR A 17 3.43 16.00 -3.46
N ASP A 18 4.63 16.19 -2.89
CA ASP A 18 5.13 15.25 -1.90
C ASP A 18 4.29 15.30 -0.62
N ALA A 19 3.81 16.47 -0.24
CA ALA A 19 2.98 16.58 0.96
C ALA A 19 1.63 15.91 0.76
N LEU A 20 1.06 16.03 -0.44
CA LEU A 20 -0.20 15.35 -0.72
C LEU A 20 -0.05 13.83 -0.71
N THR A 21 1.11 13.32 -1.13
CA THR A 21 1.28 11.87 -1.19
C THR A 21 1.27 11.25 0.20
N VAL A 22 1.71 11.99 1.23
CA VAL A 22 1.64 11.48 2.60
C VAL A 22 0.31 11.80 3.26
N LEU A 23 -0.57 12.54 2.60
CA LEU A 23 -1.95 12.70 3.03
C LEU A 23 -2.91 11.93 2.14
N GLN A 24 -2.40 11.15 1.19
CA GLN A 24 -3.25 10.44 0.24
C GLN A 24 -4.27 9.54 0.94
N HIS A 25 -3.99 9.11 2.17
CA HIS A 25 -4.92 8.27 2.91
C HIS A 25 -6.20 9.00 3.29
N ARG A 26 -6.24 10.33 3.18
CA ARG A 26 -7.42 11.10 3.51
C ARG A 26 -8.38 11.26 2.33
N GLY A 27 -8.06 10.68 1.18
CA GLY A 27 -8.91 10.75 0.01
C GLY A 27 -8.17 10.39 -1.26
N GLN A 28 -8.66 9.40 -1.99
CA GLN A 28 -7.99 8.90 -3.19
C GLN A 28 -8.84 9.05 -4.44
N ASP A 29 -9.88 9.88 -4.39
CA ASP A 29 -10.77 10.05 -5.54
C ASP A 29 -10.28 11.09 -6.52
N ALA A 30 -9.72 12.19 -6.03
CA ALA A 30 -9.26 13.27 -6.88
C ALA A 30 -8.16 14.02 -6.17
N ALA A 31 -7.46 14.86 -6.93
CA ALA A 31 -6.37 15.65 -6.40
C ALA A 31 -6.27 16.96 -7.19
N GLY A 32 -5.81 18.00 -6.53
CA GLY A 32 -5.67 19.30 -7.15
C GLY A 32 -4.59 20.14 -6.52
N ILE A 33 -3.80 20.83 -7.35
CA ILE A 33 -2.77 21.75 -6.87
C ILE A 33 -2.92 23.05 -7.66
N ILE A 34 -2.79 24.18 -6.96
CA ILE A 34 -2.87 25.48 -7.61
C ILE A 34 -1.84 26.40 -6.97
N THR A 35 -1.12 27.15 -7.82
CA THR A 35 -0.06 28.04 -7.37
C THR A 35 -0.27 29.43 -7.97
N ILE A 36 0.38 30.41 -7.36
CA ILE A 36 0.44 31.77 -7.88
C ILE A 36 1.82 31.97 -8.50
N ASP A 37 1.86 32.19 -9.81
CA ASP A 37 3.12 32.25 -10.52
C ASP A 37 3.69 33.67 -10.47
N ALA A 38 4.79 33.91 -11.17
CA ALA A 38 5.51 35.18 -11.10
C ALA A 38 4.72 36.35 -11.68
N ASN A 39 3.64 36.08 -12.41
CA ASN A 39 2.78 37.13 -12.93
C ASN A 39 1.50 37.30 -12.10
N ASN A 40 1.49 36.74 -10.89
CA ASN A 40 0.31 36.81 -10.02
C ASN A 40 -0.92 36.21 -10.71
N CYS A 41 -0.74 35.02 -11.29
CA CYS A 41 -1.82 34.30 -11.94
C CYS A 41 -1.89 32.89 -11.35
N PHE A 42 -3.10 32.49 -10.96
CA PHE A 42 -3.34 31.12 -10.57
C PHE A 42 -2.94 30.17 -11.69
N ARG A 43 -2.30 29.06 -11.32
CA ARG A 43 -1.94 27.98 -12.24
C ARG A 43 -2.42 26.68 -11.60
N LEU A 44 -3.23 25.93 -12.34
CA LEU A 44 -4.06 24.89 -11.74
C LEU A 44 -3.89 23.57 -12.46
N ARG A 45 -3.99 22.49 -11.69
CA ARG A 45 -4.10 21.14 -12.22
C ARG A 45 -4.92 20.31 -11.24
N LYS A 46 -6.05 19.79 -11.70
CA LYS A 46 -6.86 18.89 -10.89
C LYS A 46 -7.54 17.90 -11.79
N ALA A 47 -7.79 16.71 -11.26
CA ALA A 47 -8.40 15.61 -12.01
C ALA A 47 -8.76 14.51 -11.02
N ASN A 48 -9.36 13.45 -11.55
CA ASN A 48 -9.67 12.28 -10.74
C ASN A 48 -8.45 11.39 -10.61
N GLY A 49 -8.35 10.72 -9.47
CA GLY A 49 -7.38 9.66 -9.28
C GLY A 49 -6.41 9.97 -8.16
N LEU A 50 -5.35 9.17 -8.12
CA LEU A 50 -4.30 9.33 -7.12
C LEU A 50 -3.38 10.48 -7.52
N VAL A 51 -2.67 11.01 -6.50
CA VAL A 51 -1.72 12.09 -6.75
C VAL A 51 -0.74 11.69 -7.86
N SER A 52 -0.22 10.46 -7.79
CA SER A 52 0.77 10.02 -8.76
C SER A 52 0.19 9.84 -10.16
N ASP A 53 -1.14 9.74 -10.28
CA ASP A 53 -1.78 9.67 -11.58
C ASP A 53 -2.14 11.06 -12.11
N VAL A 54 -2.53 11.97 -11.22
CA VAL A 54 -3.09 13.25 -11.65
C VAL A 54 -2.02 14.15 -12.23
N PHE A 55 -0.85 14.19 -11.61
CA PHE A 55 0.18 15.17 -11.93
C PHE A 55 1.31 14.51 -12.71
N GLU A 56 1.34 14.78 -14.02
CA GLU A 56 2.43 14.36 -14.88
C GLU A 56 3.49 15.47 -14.93
N ALA A 57 4.58 15.23 -15.66
CA ALA A 57 5.60 16.26 -15.80
C ALA A 57 5.03 17.52 -16.45
N ARG A 58 4.21 17.36 -17.48
CA ARG A 58 3.69 18.52 -18.20
C ARG A 58 2.83 19.41 -17.31
N HIS A 59 2.21 18.84 -16.27
CA HIS A 59 1.40 19.64 -15.36
C HIS A 59 2.25 20.34 -14.31
N MET A 60 3.41 19.78 -13.96
CA MET A 60 4.23 20.37 -12.92
C MET A 60 5.01 21.59 -13.40
N GLN A 61 5.37 21.62 -14.68
CA GLN A 61 5.97 22.82 -15.26
C GLN A 61 4.97 23.96 -15.30
N ARG A 62 3.68 23.65 -15.44
CA ARG A 62 2.63 24.66 -15.42
C ARG A 62 2.48 25.27 -14.03
N LEU A 63 2.75 24.50 -12.99
CA LEU A 63 2.51 24.93 -11.61
C LEU A 63 3.73 25.67 -11.07
N GLN A 64 3.98 26.84 -11.65
CA GLN A 64 5.09 27.70 -11.24
C GLN A 64 4.65 28.63 -10.11
N GLY A 65 5.61 28.98 -9.27
CA GLY A 65 5.38 29.91 -8.18
C GLY A 65 5.93 29.40 -6.87
N ASN A 66 5.99 30.31 -5.90
CA ASN A 66 6.51 30.01 -4.57
C ASN A 66 5.40 29.92 -3.53
N MET A 67 4.14 29.92 -3.94
CA MET A 67 3.01 29.81 -3.04
C MET A 67 1.93 28.98 -3.71
N GLY A 68 1.35 28.05 -2.95
CA GLY A 68 0.34 27.16 -3.52
C GLY A 68 -0.36 26.36 -2.45
N ILE A 69 -1.47 25.76 -2.85
CA ILE A 69 -2.23 24.87 -1.99
C ILE A 69 -2.54 23.59 -2.76
N GLY A 70 -2.86 22.54 -2.00
CA GLY A 70 -3.19 21.27 -2.58
C GLY A 70 -4.37 20.63 -1.86
N HIS A 71 -4.99 19.67 -2.54
CA HIS A 71 -6.17 19.01 -2.01
C HIS A 71 -6.27 17.59 -2.54
N VAL A 72 -6.67 16.67 -1.68
CA VAL A 72 -7.03 15.31 -2.06
C VAL A 72 -8.44 15.06 -1.55
N ARG A 73 -9.27 14.42 -2.38
CA ARG A 73 -10.70 14.33 -2.11
C ARG A 73 -11.10 12.92 -1.69
N TYR A 74 -11.90 12.84 -0.65
CA TYR A 74 -12.65 11.65 -0.30
C TYR A 74 -14.08 11.84 -0.77
N PRO A 75 -14.66 10.93 -1.54
CA PRO A 75 -15.99 11.19 -2.10
C PRO A 75 -17.03 11.31 -0.99
N THR A 76 -17.79 12.41 -1.03
CA THR A 76 -18.82 12.70 -0.05
C THR A 76 -20.08 13.11 -0.80
N ALA A 77 -21.13 13.47 -0.05
CA ALA A 77 -22.37 13.92 -0.67
C ALA A 77 -22.17 15.32 -1.22
N GLY A 78 -22.37 15.48 -2.53
CA GLY A 78 -22.13 16.73 -3.21
C GLY A 78 -20.82 16.77 -3.97
N SER A 79 -19.84 15.95 -3.59
CA SER A 79 -18.53 15.91 -4.22
C SER A 79 -18.24 14.46 -4.65
N SER A 80 -18.97 14.00 -5.66
CA SER A 80 -18.87 12.63 -6.13
C SER A 80 -17.65 12.43 -7.02
N SER A 81 -17.41 11.17 -7.38
CA SER A 81 -16.31 10.84 -8.30
C SER A 81 -16.49 11.55 -9.63
N ALA A 82 -17.73 11.63 -10.13
CA ALA A 82 -18.00 12.25 -11.43
C ALA A 82 -17.97 13.76 -11.39
N SER A 83 -17.70 14.37 -10.24
CA SER A 83 -17.80 15.81 -10.11
C SER A 83 -16.45 16.49 -10.29
N GLU A 84 -16.51 17.81 -10.46
CA GLU A 84 -15.33 18.64 -10.46
C GLU A 84 -14.69 18.65 -9.08
N ALA A 85 -13.37 18.55 -9.04
CA ALA A 85 -12.65 18.43 -7.78
C ALA A 85 -12.25 19.79 -7.24
N GLN A 86 -11.59 19.78 -6.08
CA GLN A 86 -10.99 20.97 -5.48
C GLN A 86 -9.54 21.08 -5.90
N PRO A 87 -8.96 22.30 -5.84
CA PRO A 87 -9.56 23.54 -5.37
C PRO A 87 -10.36 24.28 -6.43
N PHE A 88 -11.30 25.10 -5.98
CA PHE A 88 -12.03 26.04 -6.84
C PHE A 88 -11.39 27.42 -6.74
N TYR A 89 -11.73 28.29 -7.69
CA TYR A 89 -11.32 29.67 -7.56
C TYR A 89 -12.29 30.58 -8.29
N VAL A 90 -12.39 31.82 -7.80
CA VAL A 90 -13.14 32.89 -8.42
C VAL A 90 -12.16 34.00 -8.73
N ASN A 91 -12.45 34.77 -9.78
CA ASN A 91 -11.55 35.81 -10.23
C ASN A 91 -11.96 37.20 -9.73
N SER A 92 -12.91 37.28 -8.82
CA SER A 92 -13.31 38.56 -8.27
C SER A 92 -13.86 38.34 -6.87
N PRO A 93 -13.44 39.13 -5.86
CA PRO A 93 -12.46 40.22 -5.94
C PRO A 93 -11.03 39.74 -5.86
N TYR A 94 -10.13 40.37 -6.64
CA TYR A 94 -8.69 40.16 -6.52
C TYR A 94 -8.23 38.81 -7.06
N GLY A 95 -9.01 37.76 -6.82
CA GLY A 95 -8.61 36.41 -7.20
C GLY A 95 -8.39 35.52 -6.00
N ILE A 96 -9.27 34.54 -5.80
CA ILE A 96 -9.28 33.73 -4.60
C ILE A 96 -9.45 32.27 -4.98
N THR A 97 -8.67 31.40 -4.34
CA THR A 97 -8.80 29.95 -4.47
C THR A 97 -8.85 29.36 -3.07
N LEU A 98 -9.56 28.24 -2.92
CA LEU A 98 -9.76 27.67 -1.60
C LEU A 98 -9.86 26.16 -1.68
N ALA A 99 -9.30 25.49 -0.69
CA ALA A 99 -9.41 24.05 -0.50
C ALA A 99 -9.96 23.79 0.90
N HIS A 100 -10.74 22.73 1.03
CA HIS A 100 -11.59 22.60 2.20
C HIS A 100 -11.75 21.13 2.59
N ASN A 101 -11.63 20.86 3.89
CA ASN A 101 -11.91 19.55 4.45
C ASN A 101 -12.98 19.72 5.51
N GLY A 102 -14.16 19.20 5.25
CA GLY A 102 -15.26 19.33 6.18
C GLY A 102 -16.59 19.35 5.44
N ASN A 103 -17.57 20.00 6.07
CA ASN A 103 -18.93 20.02 5.52
C ASN A 103 -19.70 21.16 6.16
N LEU A 104 -20.46 21.87 5.35
CA LEU A 104 -21.30 22.96 5.82
C LEU A 104 -22.73 22.45 5.95
N THR A 105 -23.27 22.54 7.17
CA THR A 105 -24.59 22.00 7.44
C THR A 105 -25.72 22.90 6.95
N ASN A 106 -25.41 24.15 6.59
CA ASN A 106 -26.40 25.05 6.02
C ASN A 106 -26.07 25.43 4.58
N ALA A 107 -25.47 24.50 3.83
CA ALA A 107 -25.07 24.78 2.46
C ALA A 107 -26.27 25.28 1.63
N HIS A 108 -27.43 24.65 1.80
CA HIS A 108 -28.60 25.03 1.02
C HIS A 108 -29.01 26.48 1.30
N GLU A 109 -29.10 26.85 2.58
CA GLU A 109 -29.42 28.22 2.93
C GLU A 109 -28.40 29.19 2.35
N LEU A 110 -27.12 28.83 2.38
CA LEU A 110 -26.08 29.74 1.91
C LEU A 110 -26.17 29.92 0.40
N ARG A 111 -26.43 28.85 -0.34
CA ARG A 111 -26.56 28.94 -1.80
C ARG A 111 -27.68 29.90 -2.18
N LYS A 112 -28.82 29.79 -1.51
CA LYS A 112 -29.94 30.71 -1.74
C LYS A 112 -29.51 32.16 -1.47
N LYS A 113 -28.93 32.41 -0.30
CA LYS A 113 -28.54 33.76 0.08
C LYS A 113 -27.54 34.35 -0.91
N LEU A 114 -26.59 33.52 -1.37
CA LEU A 114 -25.58 34.01 -2.32
C LEU A 114 -26.23 34.45 -3.63
N PHE A 115 -27.23 33.71 -4.10
CA PHE A 115 -27.85 34.03 -5.38
C PHE A 115 -28.71 35.29 -5.27
N GLU A 116 -29.50 35.38 -4.20
CA GLU A 116 -30.45 36.49 -4.06
C GLU A 116 -29.72 37.79 -3.73
N GLU A 117 -28.80 37.76 -2.76
CA GLU A 117 -28.18 38.99 -2.29
C GLU A 117 -27.01 39.43 -3.17
N LYS A 118 -26.27 38.49 -3.74
CA LYS A 118 -25.05 38.82 -4.47
C LYS A 118 -25.07 38.44 -5.94
N ARG A 119 -26.10 37.74 -6.42
CA ARG A 119 -26.12 37.19 -7.77
C ARG A 119 -24.83 36.39 -8.03
N ARG A 120 -24.45 35.58 -7.05
CA ARG A 120 -23.29 34.71 -7.18
C ARG A 120 -23.76 33.30 -7.46
N HIS A 121 -23.41 32.79 -8.64
CA HIS A 121 -23.86 31.48 -9.09
C HIS A 121 -22.87 30.41 -8.64
N ILE A 122 -23.40 29.31 -8.10
CA ILE A 122 -22.61 28.17 -7.66
C ILE A 122 -22.80 27.06 -8.68
N ASN A 123 -21.73 26.70 -9.38
CA ASN A 123 -21.84 25.81 -10.53
C ASN A 123 -21.80 24.33 -10.15
N THR A 124 -21.37 24.00 -8.94
CA THR A 124 -21.30 22.61 -8.49
C THR A 124 -22.13 22.43 -7.22
N THR A 125 -22.26 21.19 -6.79
CA THR A 125 -22.92 20.88 -5.53
C THR A 125 -21.95 20.79 -4.36
N SER A 126 -20.68 21.12 -4.58
CA SER A 126 -19.69 21.07 -3.52
C SER A 126 -19.86 22.27 -2.60
N ASP A 127 -19.94 22.00 -1.29
CA ASP A 127 -20.02 23.08 -0.32
C ASP A 127 -18.73 23.86 -0.24
N SER A 128 -17.63 23.33 -0.76
CA SER A 128 -16.38 24.07 -0.78
C SER A 128 -16.48 25.29 -1.69
N GLU A 129 -17.15 25.16 -2.83
CA GLU A 129 -17.37 26.31 -3.70
C GLU A 129 -18.23 27.35 -2.99
N ILE A 130 -19.25 26.92 -2.25
CA ILE A 130 -20.07 27.85 -1.48
C ILE A 130 -19.22 28.59 -0.47
N LEU A 131 -18.43 27.86 0.31
CA LEU A 131 -17.55 28.50 1.29
C LEU A 131 -16.64 29.51 0.62
N LEU A 132 -16.12 29.17 -0.55
CA LEU A 132 -15.26 30.09 -1.30
C LEU A 132 -15.99 31.38 -1.63
N ASN A 133 -17.24 31.29 -2.07
CA ASN A 133 -17.96 32.47 -2.52
C ASN A 133 -18.43 33.34 -1.35
N ILE A 134 -18.81 32.72 -0.23
CA ILE A 134 -19.07 33.49 0.98
C ILE A 134 -17.85 34.32 1.35
N PHE A 135 -16.68 33.67 1.40
CA PHE A 135 -15.44 34.38 1.73
C PHE A 135 -15.15 35.48 0.71
N ALA A 136 -15.26 35.16 -0.57
CA ALA A 136 -15.08 36.18 -1.60
C ALA A 136 -16.10 37.30 -1.43
N SER A 137 -17.33 36.96 -1.07
CA SER A 137 -18.35 37.96 -0.84
C SER A 137 -17.91 38.96 0.23
N GLU A 138 -17.51 38.46 1.40
CA GLU A 138 -17.10 39.35 2.48
C GLU A 138 -15.85 40.14 2.10
N LEU A 139 -14.98 39.57 1.27
CA LEU A 139 -13.79 40.30 0.83
C LEU A 139 -14.12 41.41 -0.16
N ASP A 140 -15.25 41.31 -0.86
CA ASP A 140 -15.62 42.32 -1.85
C ASP A 140 -16.14 43.59 -1.21
N ASN A 141 -16.56 43.53 0.06
CA ASN A 141 -17.05 44.73 0.74
C ASN A 141 -15.97 45.80 0.84
N PHE A 142 -14.71 45.41 0.99
CA PHE A 142 -13.61 46.35 1.06
C PHE A 142 -13.27 46.85 -0.34
N ARG A 143 -13.29 48.17 -0.53
CA ARG A 143 -13.03 48.78 -1.83
C ARG A 143 -11.59 49.27 -1.97
N HIS A 144 -11.00 49.82 -0.91
CA HIS A 144 -9.63 50.30 -0.99
C HIS A 144 -8.66 49.15 -1.21
N TYR A 145 -7.49 49.48 -1.76
CA TYR A 145 -6.49 48.47 -2.11
C TYR A 145 -5.11 48.97 -1.71
N PRO A 146 -4.25 48.09 -1.17
CA PRO A 146 -4.51 46.66 -0.93
C PRO A 146 -5.33 46.43 0.32
N LEU A 147 -5.87 45.22 0.46
CA LEU A 147 -6.48 44.82 1.72
C LEU A 147 -5.43 44.76 2.80
N GLU A 148 -5.84 45.09 4.02
CA GLU A 148 -4.98 44.96 5.19
C GLU A 148 -5.33 43.67 5.92
N ALA A 149 -4.35 43.13 6.64
CA ALA A 149 -4.57 41.90 7.40
C ALA A 149 -5.87 41.95 8.17
N ASP A 150 -6.19 43.12 8.75
CA ASP A 150 -7.42 43.25 9.52
C ASP A 150 -8.65 43.14 8.64
N ASN A 151 -8.58 43.60 7.39
CA ASN A 151 -9.67 43.38 6.46
C ASN A 151 -9.92 41.88 6.26
N ILE A 152 -8.85 41.13 6.03
CA ILE A 152 -8.98 39.70 5.71
C ILE A 152 -9.54 38.95 6.91
N PHE A 153 -9.00 39.21 8.12
CA PHE A 153 -9.54 38.57 9.30
C PHE A 153 -10.99 38.98 9.54
N ALA A 154 -11.32 40.25 9.28
CA ALA A 154 -12.70 40.70 9.39
C ALA A 154 -13.60 39.90 8.46
N ALA A 155 -13.14 39.64 7.25
CA ALA A 155 -13.93 38.86 6.30
C ALA A 155 -14.07 37.42 6.77
N ILE A 156 -13.03 36.86 7.39
CA ILE A 156 -13.11 35.50 7.90
C ILE A 156 -14.10 35.42 9.05
N ALA A 157 -14.09 36.40 9.96
CA ALA A 157 -15.04 36.40 11.06
C ALA A 157 -16.46 36.50 10.56
N ALA A 158 -16.71 37.39 9.59
CA ALA A 158 -18.03 37.48 8.99
C ALA A 158 -18.46 36.13 8.41
N THR A 159 -17.52 35.41 7.79
CA THR A 159 -17.83 34.10 7.21
C THR A 159 -18.20 33.10 8.30
N ASN A 160 -17.45 33.07 9.40
CA ASN A 160 -17.76 32.14 10.47
C ASN A 160 -19.14 32.40 11.06
N ARG A 161 -19.61 33.65 11.03
CA ARG A 161 -20.94 33.96 11.53
C ARG A 161 -22.03 33.43 10.60
N LEU A 162 -21.75 33.37 9.30
CA LEU A 162 -22.77 32.95 8.35
C LEU A 162 -22.83 31.44 8.22
N ILE A 163 -21.69 30.76 8.16
CA ILE A 163 -21.65 29.34 7.86
C ILE A 163 -21.61 28.54 9.14
N ARG A 164 -22.20 27.34 9.08
CA ARG A 164 -22.22 26.41 10.20
C ARG A 164 -21.68 25.07 9.72
N GLY A 165 -21.02 24.35 10.62
CA GLY A 165 -20.53 23.02 10.31
C GLY A 165 -19.13 22.77 10.79
N ALA A 166 -18.37 22.01 10.01
CA ALA A 166 -16.99 21.67 10.32
C ALA A 166 -16.14 21.97 9.09
N TYR A 167 -15.00 22.61 9.29
CA TYR A 167 -14.14 22.95 8.16
C TYR A 167 -12.74 23.29 8.62
N ALA A 168 -11.75 22.72 7.93
CA ALA A 168 -10.38 23.20 7.94
C ALA A 168 -10.09 23.74 6.55
N CYS A 169 -9.65 24.98 6.46
CA CYS A 169 -9.52 25.65 5.18
C CYS A 169 -8.13 26.26 5.00
N VAL A 170 -7.69 26.26 3.75
CA VAL A 170 -6.52 27.02 3.30
C VAL A 170 -6.92 27.69 2.00
N ALA A 171 -6.40 28.89 1.78
CA ALA A 171 -6.78 29.66 0.60
C ALA A 171 -5.68 30.65 0.28
N MET A 172 -5.74 31.16 -0.95
CA MET A 172 -4.81 32.20 -1.41
C MET A 172 -5.59 33.36 -1.97
N ILE A 173 -5.02 34.55 -1.84
CA ILE A 173 -5.59 35.77 -2.38
C ILE A 173 -4.50 36.46 -3.21
N ILE A 174 -4.73 36.57 -4.52
CA ILE A 174 -3.71 37.13 -5.39
C ILE A 174 -3.35 38.53 -4.93
N GLY A 175 -2.04 38.81 -4.89
CA GLY A 175 -1.55 40.10 -4.46
C GLY A 175 -1.42 40.27 -2.97
N HIS A 176 -1.79 39.26 -2.18
CA HIS A 176 -1.74 39.38 -0.73
C HIS A 176 -1.00 38.20 -0.09
N GLY A 177 -1.57 37.01 -0.16
CA GLY A 177 -0.88 35.84 0.37
C GLY A 177 -1.84 34.70 0.64
N MET A 178 -1.51 33.94 1.69
CA MET A 178 -2.19 32.69 2.01
C MET A 178 -2.84 32.82 3.38
N VAL A 179 -4.08 32.31 3.49
CA VAL A 179 -4.78 32.28 4.77
C VAL A 179 -5.21 30.85 5.05
N ALA A 180 -5.46 30.58 6.33
CA ALA A 180 -5.97 29.29 6.78
C ALA A 180 -6.76 29.53 8.05
N PHE A 181 -7.86 28.80 8.21
CA PHE A 181 -8.70 28.94 9.40
C PHE A 181 -9.40 27.63 9.70
N ARG A 182 -9.98 27.56 10.89
CA ARG A 182 -10.57 26.36 11.43
C ARG A 182 -11.96 26.69 11.99
N ASP A 183 -12.86 25.72 11.95
CA ASP A 183 -14.21 25.96 12.45
C ASP A 183 -14.14 26.30 13.95
N PRO A 184 -15.13 27.04 14.46
CA PRO A 184 -15.08 27.45 15.88
C PRO A 184 -15.13 26.30 16.86
N ASN A 185 -15.50 25.10 16.43
CA ASN A 185 -15.50 23.93 17.29
C ASN A 185 -14.24 23.08 17.12
N GLY A 186 -13.30 23.50 16.28
CA GLY A 186 -12.09 22.76 16.05
C GLY A 186 -12.32 21.29 15.79
N ILE A 187 -13.24 20.99 14.87
CA ILE A 187 -13.61 19.60 14.59
C ILE A 187 -12.61 18.97 13.64
N ARG A 188 -12.27 19.67 12.55
CA ARG A 188 -11.40 19.12 11.51
C ARG A 188 -9.94 19.49 11.79
N PRO A 189 -9.00 18.58 11.53
CA PRO A 189 -7.62 18.82 11.95
C PRO A 189 -6.88 19.78 11.04
N LEU A 190 -6.01 20.58 11.64
CA LEU A 190 -5.19 21.53 10.91
C LEU A 190 -4.02 21.93 11.79
N VAL A 191 -2.80 21.85 11.25
CA VAL A 191 -1.60 22.21 11.98
C VAL A 191 -0.76 23.18 11.15
N LEU A 192 0.07 23.94 11.84
CA LEU A 192 0.91 24.97 11.25
C LEU A 192 2.38 24.61 11.49
N GLY A 193 3.22 24.94 10.50
CA GLY A 193 4.63 24.63 10.59
C GLY A 193 5.44 25.70 9.90
N LYS A 194 6.75 25.59 10.03
CA LYS A 194 7.66 26.57 9.45
C LYS A 194 8.96 25.89 9.06
N ARG A 195 9.74 26.60 8.25
CA ARG A 195 11.06 26.12 7.86
C ARG A 195 11.94 27.34 7.62
N ASP A 196 12.95 27.51 8.45
CA ASP A 196 13.84 28.65 8.35
C ASP A 196 14.89 28.40 7.27
N ILE A 197 15.01 29.35 6.34
CA ILE A 197 16.00 29.28 5.28
C ILE A 197 17.23 30.12 5.63
N ASP A 198 17.01 31.28 6.24
CA ASP A 198 18.07 32.10 6.81
C ASP A 198 17.40 33.11 7.73
N GLU A 199 18.21 34.00 8.32
CA GLU A 199 17.66 34.92 9.31
C GLU A 199 16.64 35.89 8.73
N ASN A 200 16.53 35.99 7.40
CA ASN A 200 15.59 36.92 6.78
C ASN A 200 14.36 36.24 6.23
N ARG A 201 14.48 35.01 5.74
CA ARG A 201 13.42 34.34 5.00
C ARG A 201 13.00 33.08 5.74
N THR A 202 11.71 32.97 6.02
CA THR A 202 11.13 31.78 6.63
C THR A 202 9.95 31.33 5.79
N GLU A 203 9.90 30.03 5.50
CA GLU A 203 8.75 29.44 4.82
C GLU A 203 7.78 28.90 5.86
N TYR A 204 6.50 28.98 5.53
CA TYR A 204 5.43 28.44 6.37
C TYR A 204 4.60 27.45 5.57
N MET A 205 3.89 26.58 6.28
CA MET A 205 2.96 25.68 5.63
C MET A 205 1.90 25.24 6.64
N VAL A 206 0.75 24.86 6.10
CA VAL A 206 -0.34 24.28 6.88
C VAL A 206 -0.72 22.96 6.22
N ALA A 207 -1.37 22.11 7.00
CA ALA A 207 -1.76 20.79 6.51
C ALA A 207 -2.72 20.15 7.50
N SER A 208 -3.45 19.14 7.02
CA SER A 208 -4.43 18.47 7.86
C SER A 208 -3.76 17.70 8.97
N GLU A 209 -2.55 17.19 8.73
CA GLU A 209 -1.85 16.37 9.71
C GLU A 209 -0.37 16.76 9.72
N SER A 210 0.28 16.46 10.85
CA SER A 210 1.66 16.86 11.04
C SER A 210 2.63 16.06 10.16
N VAL A 211 2.22 14.88 9.67
CA VAL A 211 3.12 14.08 8.85
C VAL A 211 3.51 14.83 7.58
N ALA A 212 2.63 15.72 7.09
CA ALA A 212 2.97 16.50 5.91
C ALA A 212 4.09 17.49 6.21
N LEU A 213 4.15 17.99 7.45
CA LEU A 213 5.29 18.82 7.85
C LEU A 213 6.55 17.97 7.99
N ASP A 214 6.42 16.81 8.64
CA ASP A 214 7.58 15.93 8.84
C ASP A 214 8.25 15.59 7.53
N THR A 215 7.47 15.16 6.53
CA THR A 215 8.04 14.66 5.29
C THR A 215 8.79 15.73 4.50
N LEU A 216 8.46 17.00 4.70
CA LEU A 216 9.13 18.09 4.01
C LEU A 216 10.22 18.76 4.84
N GLY A 217 10.38 18.36 6.10
CA GLY A 217 11.38 18.97 6.94
C GLY A 217 10.97 20.28 7.56
N PHE A 218 9.68 20.46 7.82
CA PHE A 218 9.17 21.66 8.47
C PHE A 218 9.05 21.44 9.97
N ASP A 219 9.48 22.45 10.74
CA ASP A 219 9.33 22.39 12.19
C ASP A 219 7.86 22.59 12.56
N PHE A 220 7.34 21.70 13.40
CA PHE A 220 5.99 21.84 13.91
C PHE A 220 5.92 23.04 14.85
N LEU A 221 4.96 23.94 14.60
CA LEU A 221 4.70 25.05 15.50
C LEU A 221 3.54 24.73 16.46
N ARG A 222 2.35 24.52 15.92
CA ARG A 222 1.18 24.27 16.75
C ARG A 222 -0.01 23.96 15.85
N ASP A 223 -1.04 23.36 16.45
CA ASP A 223 -2.33 23.28 15.80
C ASP A 223 -2.91 24.66 15.64
N VAL A 224 -3.61 24.89 14.53
CA VAL A 224 -4.41 26.11 14.39
C VAL A 224 -5.56 26.03 15.38
N ALA A 225 -5.70 27.06 16.20
CA ALA A 225 -6.68 27.01 17.28
C ALA A 225 -8.10 27.03 16.73
N PRO A 226 -9.06 26.48 17.46
CA PRO A 226 -10.47 26.60 17.03
C PRO A 226 -10.83 28.05 16.74
N GLY A 227 -11.43 28.27 15.57
CA GLY A 227 -11.83 29.60 15.16
C GLY A 227 -10.69 30.52 14.78
N GLU A 228 -9.44 30.09 14.91
CA GLU A 228 -8.32 30.96 14.63
C GLU A 228 -8.05 31.03 13.13
N ALA A 229 -7.55 32.16 12.68
CA ALA A 229 -7.17 32.37 11.29
C ALA A 229 -5.69 32.70 11.21
N ILE A 230 -5.01 32.08 10.24
CA ILE A 230 -3.60 32.33 9.98
C ILE A 230 -3.51 33.11 8.67
N TYR A 231 -2.62 34.10 8.64
CA TYR A 231 -2.40 34.89 7.44
C TYR A 231 -0.90 35.06 7.22
N ILE A 232 -0.42 34.66 6.04
CA ILE A 232 0.99 34.74 5.69
C ILE A 232 1.10 35.53 4.39
N THR A 233 1.82 36.64 4.44
CA THR A 233 1.88 37.54 3.29
C THR A 233 2.89 37.05 2.27
N GLU A 234 2.84 37.66 1.09
CA GLU A 234 3.78 37.31 0.03
C GLU A 234 5.22 37.58 0.42
N GLU A 235 5.46 38.47 1.38
CA GLU A 235 6.81 38.76 1.83
C GLU A 235 7.31 37.72 2.82
N GLY A 236 6.40 37.08 3.56
CA GLY A 236 6.78 36.04 4.50
C GLY A 236 6.53 36.42 5.95
N GLN A 237 5.49 37.21 6.18
CA GLN A 237 5.12 37.64 7.53
C GLN A 237 3.87 36.90 7.97
N LEU A 238 3.88 36.45 9.22
CA LEU A 238 2.79 35.67 9.79
C LEU A 238 1.96 36.54 10.73
N PHE A 239 0.66 36.56 10.51
CA PHE A 239 -0.29 37.17 11.42
C PHE A 239 -1.33 36.12 11.82
N THR A 240 -1.94 36.33 12.98
CA THR A 240 -3.01 35.46 13.45
C THR A 240 -4.10 36.31 14.11
N ARG A 241 -5.22 35.66 14.40
CA ARG A 241 -6.37 36.33 14.99
C ARG A 241 -7.40 35.27 15.35
N GLN A 242 -8.10 35.50 16.46
CA GLN A 242 -9.31 34.73 16.76
C GLN A 242 -10.46 35.33 15.97
N CYS A 243 -11.07 34.54 15.09
CA CYS A 243 -12.10 35.02 14.18
C CYS A 243 -13.47 34.41 14.47
N ALA A 244 -13.63 33.77 15.62
CA ALA A 244 -14.93 33.27 16.05
C ALA A 244 -15.18 33.65 17.50
N ASP A 245 -16.46 33.75 17.85
CA ASP A 245 -16.85 33.95 19.25
C ASP A 245 -17.10 32.60 19.90
N ASN A 246 -16.72 32.50 21.18
CA ASN A 246 -16.88 31.29 21.96
C ASN A 246 -16.24 30.09 21.27
N PRO A 247 -14.98 30.21 20.85
CA PRO A 247 -14.29 29.04 20.29
C PRO A 247 -14.05 27.97 21.34
N VAL A 248 -14.16 26.71 20.91
CA VAL A 248 -13.95 25.56 21.78
C VAL A 248 -13.30 24.45 20.96
N SER A 249 -12.63 23.54 21.65
CA SER A 249 -11.91 22.45 21.03
C SER A 249 -12.73 21.18 21.16
N ASN A 250 -13.39 20.78 20.07
CA ASN A 250 -14.17 19.55 20.01
C ASN A 250 -13.65 18.69 18.86
N PRO A 251 -12.41 18.19 18.97
CA PRO A 251 -11.81 17.48 17.84
C PRO A 251 -12.58 16.23 17.48
N CYS A 252 -12.58 15.92 16.18
CA CYS A 252 -13.27 14.73 15.70
C CYS A 252 -12.63 13.48 16.30
N LEU A 253 -13.46 12.61 16.88
CA LEU A 253 -12.97 11.38 17.46
C LEU A 253 -12.58 10.37 16.40
N PHE A 254 -13.25 10.38 15.25
CA PHE A 254 -12.96 9.41 14.19
C PHE A 254 -11.53 9.53 13.68
N GLU A 255 -10.99 10.76 13.65
CA GLU A 255 -9.60 10.93 13.24
C GLU A 255 -8.67 10.01 14.00
N TYR A 256 -8.89 9.86 15.31
CA TYR A 256 -8.04 9.03 16.14
C TYR A 256 -8.34 7.54 15.97
N VAL A 257 -9.59 7.20 15.63
CA VAL A 257 -9.96 5.79 15.59
C VAL A 257 -9.34 5.10 14.38
N TYR A 258 -9.39 5.74 13.21
CA TYR A 258 -8.84 5.09 12.02
C TYR A 258 -8.47 6.03 10.89
N PHE A 259 -9.05 7.23 10.85
CA PHE A 259 -8.94 8.03 9.63
C PHE A 259 -7.56 8.68 9.48
N ALA A 260 -6.95 9.12 10.58
CA ALA A 260 -5.66 9.78 10.52
C ALA A 260 -4.53 8.78 10.60
N ARG A 261 -3.33 9.23 10.20
CA ARG A 261 -2.16 8.38 10.28
C ARG A 261 -1.64 8.30 11.72
N PRO A 262 -1.05 7.16 12.10
CA PRO A 262 -0.64 7.00 13.51
C PRO A 262 0.51 7.91 13.91
N ASP A 263 1.38 8.29 12.98
CA ASP A 263 2.54 9.12 13.30
C ASP A 263 2.21 10.60 13.32
N SER A 264 0.93 10.97 13.32
CA SER A 264 0.52 12.36 13.39
C SER A 264 0.16 12.75 14.82
N PHE A 265 0.28 14.05 15.09
CA PHE A 265 -0.08 14.64 16.39
C PHE A 265 -1.19 15.65 16.15
N ILE A 266 -2.41 15.31 16.53
CA ILE A 266 -3.58 16.15 16.31
C ILE A 266 -4.03 16.72 17.65
N ASP A 267 -3.97 18.04 17.79
CA ASP A 267 -4.31 18.70 19.05
C ASP A 267 -3.52 18.10 20.20
N LYS A 268 -2.22 17.92 19.98
CA LYS A 268 -1.27 17.46 20.98
C LYS A 268 -1.49 16.01 21.38
N ILE A 269 -2.18 15.23 20.55
CA ILE A 269 -2.46 13.83 20.85
C ILE A 269 -1.82 12.97 19.77
N SER A 270 -0.93 12.07 20.18
CA SER A 270 -0.39 11.08 19.25
C SER A 270 -1.49 10.10 18.86
N VAL A 271 -1.80 10.04 17.57
CA VAL A 271 -2.82 9.10 17.10
C VAL A 271 -2.40 7.67 17.44
N TYR A 272 -1.10 7.38 17.33
CA TYR A 272 -0.61 6.05 17.67
C TYR A 272 -0.90 5.72 19.13
N SER A 273 -0.48 6.59 20.05
CA SER A 273 -0.70 6.35 21.47
C SER A 273 -2.19 6.25 21.79
N ALA A 274 -3.00 7.11 21.17
CA ALA A 274 -4.45 7.02 21.37
C ALA A 274 -4.97 5.64 21.01
N ARG A 275 -4.50 5.08 19.88
CA ARG A 275 -5.00 3.78 19.44
C ARG A 275 -4.52 2.66 20.35
N VAL A 276 -3.28 2.74 20.84
CA VAL A 276 -2.83 1.78 21.85
C VAL A 276 -3.72 1.85 23.08
N ASN A 277 -4.05 3.07 23.53
CA ASN A 277 -4.94 3.22 24.67
C ASN A 277 -6.30 2.56 24.41
N MET A 278 -6.84 2.73 23.21
CA MET A 278 -8.12 2.11 22.87
C MET A 278 -8.07 0.60 23.10
N GLY A 279 -6.98 -0.04 22.68
CA GLY A 279 -6.85 -1.47 22.91
C GLY A 279 -6.73 -1.82 24.38
N THR A 280 -6.10 -0.95 25.17
CA THR A 280 -6.05 -1.16 26.61
C THR A 280 -7.47 -1.16 27.20
N LYS A 281 -8.24 -0.12 26.90
CA LYS A 281 -9.60 -0.06 27.41
C LYS A 281 -10.43 -1.24 26.92
N LEU A 282 -10.34 -1.55 25.63
CA LEU A 282 -11.15 -2.63 25.08
C LEU A 282 -10.69 -3.99 25.62
N GLY A 283 -9.38 -4.18 25.77
CA GLY A 283 -8.89 -5.41 26.38
C GLY A 283 -9.36 -5.54 27.82
N GLU A 284 -9.42 -4.42 28.55
CA GLU A 284 -9.94 -4.45 29.92
C GLU A 284 -11.42 -4.78 29.93
N LYS A 285 -12.20 -4.19 29.03
CA LYS A 285 -13.62 -4.49 28.98
C LYS A 285 -13.86 -5.95 28.63
N ILE A 286 -13.05 -6.50 27.72
CA ILE A 286 -13.23 -7.89 27.31
C ILE A 286 -12.92 -8.83 28.47
N ALA A 287 -11.80 -8.60 29.15
CA ALA A 287 -11.45 -9.44 30.29
C ALA A 287 -12.53 -9.39 31.37
N ARG A 288 -13.19 -8.24 31.51
CA ARG A 288 -14.22 -8.10 32.53
C ARG A 288 -15.49 -8.83 32.14
N GLU A 289 -15.95 -8.60 30.91
CA GLU A 289 -17.26 -9.09 30.47
C GLU A 289 -17.22 -10.44 29.78
N TRP A 290 -16.06 -10.89 29.30
CA TRP A 290 -15.93 -12.17 28.64
C TRP A 290 -15.00 -13.10 29.41
N GLU A 291 -14.93 -12.93 30.72
CA GLU A 291 -14.10 -13.78 31.57
C GLU A 291 -14.31 -15.26 31.27
N ASP A 292 -15.56 -15.66 31.02
CA ASP A 292 -15.90 -17.07 30.91
C ASP A 292 -15.69 -17.64 29.50
N LEU A 293 -15.29 -16.82 28.53
CA LEU A 293 -15.15 -17.28 27.16
C LEU A 293 -13.75 -17.84 26.92
N ASP A 294 -13.68 -18.80 26.00
CA ASP A 294 -12.42 -19.46 25.63
C ASP A 294 -11.93 -18.80 24.34
N ILE A 295 -10.91 -17.95 24.47
CA ILE A 295 -10.32 -17.24 23.35
C ILE A 295 -8.93 -17.80 23.13
N ASP A 296 -8.69 -18.33 21.93
CA ASP A 296 -7.42 -18.95 21.61
C ASP A 296 -6.38 -17.94 21.14
N VAL A 297 -6.78 -16.94 20.36
CA VAL A 297 -5.85 -16.04 19.71
C VAL A 297 -6.55 -14.74 19.39
N VAL A 298 -5.79 -13.65 19.36
CA VAL A 298 -6.27 -12.34 18.95
C VAL A 298 -5.71 -12.04 17.57
N ILE A 299 -6.58 -11.71 16.63
CA ILE A 299 -6.22 -11.51 15.23
C ILE A 299 -6.75 -10.16 14.76
N PRO A 300 -5.91 -9.26 14.25
CA PRO A 300 -6.42 -7.97 13.76
C PRO A 300 -6.85 -7.99 12.31
N ILE A 301 -7.90 -7.21 12.02
CA ILE A 301 -8.29 -6.90 10.66
C ILE A 301 -7.40 -5.76 10.20
N PRO A 302 -6.38 -6.00 9.38
CA PRO A 302 -5.41 -4.93 9.08
C PRO A 302 -6.08 -3.80 8.30
N GLU A 303 -5.43 -2.63 8.30
CA GLU A 303 -4.13 -2.39 8.94
C GLU A 303 -4.29 -1.61 10.25
N THR A 304 -5.39 -0.85 10.34
CA THR A 304 -5.56 0.10 11.44
C THR A 304 -5.51 -0.56 12.81
N SER A 305 -5.97 -1.80 12.92
CA SER A 305 -6.23 -2.41 14.22
C SER A 305 -5.10 -3.31 14.70
N CYS A 306 -3.97 -3.33 13.99
CA CYS A 306 -2.87 -4.21 14.39
C CYS A 306 -2.33 -3.82 15.76
N ASP A 307 -2.10 -2.53 15.97
CA ASP A 307 -1.58 -2.08 17.27
C ASP A 307 -2.63 -2.21 18.35
N ILE A 308 -3.89 -1.95 18.01
CA ILE A 308 -4.98 -2.09 18.97
C ILE A 308 -5.10 -3.56 19.41
N ALA A 309 -5.07 -4.47 18.44
CA ALA A 309 -5.20 -5.89 18.78
C ALA A 309 -4.01 -6.38 19.59
N LEU A 310 -2.81 -5.84 19.31
CA LEU A 310 -1.64 -6.21 20.10
C LEU A 310 -1.85 -5.90 21.57
N GLU A 311 -2.43 -4.74 21.88
CA GLU A 311 -2.65 -4.36 23.26
C GLU A 311 -3.74 -5.22 23.90
N ILE A 312 -4.79 -5.55 23.15
CA ILE A 312 -5.84 -6.42 23.67
C ILE A 312 -5.26 -7.78 24.02
N ALA A 313 -4.50 -8.38 23.09
CA ALA A 313 -3.88 -9.66 23.36
C ALA A 313 -2.98 -9.60 24.60
N ARG A 314 -2.35 -8.46 24.84
CA ARG A 314 -1.51 -8.31 26.03
C ARG A 314 -2.36 -8.32 27.29
N ILE A 315 -3.43 -7.50 27.32
CA ILE A 315 -4.29 -7.43 28.49
C ILE A 315 -4.87 -8.80 28.81
N LEU A 316 -5.23 -9.56 27.78
CA LEU A 316 -5.86 -10.87 27.98
C LEU A 316 -4.85 -11.98 28.19
N GLY A 317 -3.55 -11.70 28.11
CA GLY A 317 -2.56 -12.76 28.20
C GLY A 317 -2.75 -13.82 27.14
N LYS A 318 -3.09 -13.42 25.92
CA LYS A 318 -3.36 -14.32 24.82
C LYS A 318 -2.44 -14.03 23.65
N PRO A 319 -2.19 -15.01 22.79
CA PRO A 319 -1.28 -14.79 21.67
C PRO A 319 -1.87 -13.88 20.60
N TYR A 320 -0.99 -13.07 20.00
CA TYR A 320 -1.32 -12.24 18.86
C TYR A 320 -0.73 -12.89 17.60
N ARG A 321 -1.53 -12.93 16.54
CA ARG A 321 -1.10 -13.58 15.30
C ARG A 321 -1.70 -12.86 14.10
N GLN A 322 -0.92 -12.76 13.04
CA GLN A 322 -1.35 -12.14 11.79
C GLN A 322 -2.14 -13.16 10.98
N GLY A 323 -3.45 -13.22 11.25
CA GLY A 323 -4.30 -14.16 10.54
C GLY A 323 -4.80 -13.64 9.21
N PHE A 324 -4.94 -12.33 9.08
CA PHE A 324 -5.39 -11.69 7.85
C PHE A 324 -4.27 -10.84 7.25
N VAL A 325 -4.14 -10.90 5.93
CA VAL A 325 -3.16 -10.10 5.20
C VAL A 325 -3.90 -9.23 4.17
N LYS A 326 -3.67 -7.93 4.24
CA LYS A 326 -4.29 -6.99 3.31
C LYS A 326 -3.37 -6.74 2.12
N ASN A 327 -3.88 -6.98 0.91
CA ASN A 327 -3.09 -6.72 -0.28
C ASN A 327 -2.90 -5.22 -0.50
N ARG A 328 -1.65 -4.80 -0.71
CA ARG A 328 -1.34 -3.40 -0.94
C ARG A 328 -2.02 -2.86 -2.21
N TYR A 329 -2.25 -3.71 -3.20
CA TYR A 329 -2.83 -3.29 -4.47
C TYR A 329 -4.15 -4.03 -4.66
N VAL A 330 -5.21 -3.34 -5.04
CA VAL A 330 -6.54 -3.95 -5.07
C VAL A 330 -6.97 -4.33 -6.48
N GLY A 331 -6.98 -3.37 -7.39
CA GLY A 331 -7.40 -3.60 -8.76
C GLY A 331 -8.91 -3.62 -8.94
N ARG A 332 -9.34 -3.37 -10.18
CA ARG A 332 -10.74 -3.18 -10.52
C ARG A 332 -11.38 -4.45 -11.06
N THR A 333 -12.71 -4.53 -10.90
CA THR A 333 -13.53 -5.56 -11.51
C THR A 333 -14.21 -4.96 -12.75
N PHE A 334 -13.98 -5.57 -13.91
CA PHE A 334 -14.50 -5.02 -15.15
C PHE A 334 -15.94 -5.47 -15.40
N ILE A 335 -16.77 -4.54 -15.86
CA ILE A 335 -18.14 -4.85 -16.27
C ILE A 335 -18.02 -5.73 -17.51
N MET A 336 -18.30 -7.03 -17.37
CA MET A 336 -17.95 -7.98 -18.41
C MET A 336 -19.17 -8.60 -19.07
N PRO A 337 -19.22 -8.61 -20.42
CA PRO A 337 -20.33 -9.27 -21.12
C PRO A 337 -20.03 -10.74 -21.38
N GLY A 338 -20.99 -11.61 -21.10
CA GLY A 338 -20.77 -13.04 -21.23
C GLY A 338 -19.77 -13.58 -20.23
N GLN A 339 -19.58 -12.88 -19.12
CA GLN A 339 -18.70 -13.30 -18.04
C GLN A 339 -19.47 -13.04 -16.76
N GLN A 340 -19.39 -13.95 -15.81
CA GLN A 340 -20.16 -13.84 -14.58
C GLN A 340 -19.63 -12.70 -13.71
N LEU A 341 -20.52 -11.77 -13.36
CA LEU A 341 -20.21 -10.71 -12.41
C LEU A 341 -20.89 -10.98 -11.07
N ARG A 342 -20.70 -12.18 -10.54
CA ARG A 342 -21.27 -12.60 -9.28
C ARG A 342 -20.26 -12.64 -8.15
N ARG A 343 -19.06 -12.09 -8.37
CA ARG A 343 -18.05 -12.11 -7.33
C ARG A 343 -18.35 -11.14 -6.19
N LYS A 344 -18.13 -11.63 -4.96
CA LYS A 344 -18.28 -10.83 -3.76
C LYS A 344 -16.93 -10.25 -3.33
N SER A 345 -16.96 -9.01 -2.87
CA SER A 345 -15.73 -8.32 -2.48
C SER A 345 -15.19 -8.86 -1.15
N VAL A 346 -14.04 -8.32 -0.76
CA VAL A 346 -13.34 -8.55 0.51
C VAL A 346 -12.24 -9.60 0.30
N ARG A 347 -12.48 -10.55 -0.61
CA ARG A 347 -11.42 -11.48 -0.97
C ARG A 347 -10.27 -10.77 -1.69
N ARG A 348 -10.57 -9.72 -2.47
CA ARG A 348 -9.51 -8.91 -3.04
C ARG A 348 -8.73 -8.19 -1.95
N LYS A 349 -9.45 -7.61 -0.99
CA LYS A 349 -8.83 -6.74 0.01
C LYS A 349 -8.01 -7.54 0.99
N LEU A 350 -8.56 -8.66 1.47
CA LEU A 350 -7.97 -9.43 2.55
C LEU A 350 -7.75 -10.86 2.09
N ASN A 351 -6.81 -11.53 2.77
CA ASN A 351 -6.61 -12.96 2.60
C ASN A 351 -6.37 -13.58 3.97
N ALA A 352 -6.75 -14.85 4.11
CA ALA A 352 -6.70 -15.54 5.39
C ALA A 352 -5.53 -16.52 5.40
N ASN A 353 -4.73 -16.45 6.46
CA ASN A 353 -3.68 -17.44 6.71
C ASN A 353 -4.36 -18.67 7.32
N ARG A 354 -4.55 -19.71 6.50
CA ARG A 354 -5.39 -20.83 6.91
C ARG A 354 -4.90 -21.46 8.21
N ALA A 355 -3.58 -21.50 8.42
CA ALA A 355 -3.04 -22.20 9.57
C ALA A 355 -3.29 -21.48 10.89
N GLU A 356 -3.64 -20.19 10.85
CA GLU A 356 -3.82 -19.42 12.06
C GLU A 356 -5.24 -19.48 12.62
N PHE A 357 -6.18 -20.05 11.85
CA PHE A 357 -7.56 -20.16 12.28
C PHE A 357 -7.99 -21.58 12.61
N ARG A 358 -7.31 -22.59 12.07
CA ARG A 358 -7.81 -23.95 12.08
C ARG A 358 -7.98 -24.45 13.51
N ASP A 359 -9.22 -24.78 13.89
CA ASP A 359 -9.51 -25.39 15.18
C ASP A 359 -9.10 -24.47 16.33
N LYS A 360 -9.50 -23.21 16.24
CA LYS A 360 -9.23 -22.23 17.28
C LYS A 360 -10.44 -21.36 17.50
N ASN A 361 -10.61 -20.89 18.74
CA ASN A 361 -11.58 -19.85 19.05
C ASN A 361 -10.86 -18.51 18.91
N VAL A 362 -11.20 -17.75 17.88
CA VAL A 362 -10.45 -16.56 17.51
C VAL A 362 -11.24 -15.33 17.92
N LEU A 363 -10.51 -14.29 18.37
CA LEU A 363 -11.08 -12.99 18.68
C LEU A 363 -10.58 -12.01 17.61
N LEU A 364 -11.45 -11.68 16.67
CA LEU A 364 -11.09 -10.72 15.63
C LEU A 364 -11.28 -9.30 16.14
N VAL A 365 -10.37 -8.41 15.75
CA VAL A 365 -10.39 -7.01 16.16
C VAL A 365 -10.43 -6.15 14.91
N ASP A 366 -11.46 -5.32 14.78
CA ASP A 366 -11.57 -4.35 13.71
C ASP A 366 -11.72 -2.96 14.32
N ASP A 367 -11.49 -1.94 13.48
CA ASP A 367 -11.53 -0.56 13.95
C ASP A 367 -12.96 -0.08 14.15
N SER A 368 -13.91 -0.58 13.37
CA SER A 368 -15.29 -0.13 13.48
C SER A 368 -16.19 -1.06 12.68
N ILE A 369 -17.50 -0.90 12.89
CA ILE A 369 -18.53 -1.62 12.15
C ILE A 369 -19.52 -0.58 11.63
N VAL A 370 -19.71 -0.54 10.31
CA VAL A 370 -20.59 0.45 9.70
C VAL A 370 -21.81 -0.25 9.11
N ARG A 371 -21.68 -0.77 7.89
CA ARG A 371 -22.79 -1.47 7.27
C ARG A 371 -22.97 -2.88 7.82
N GLY A 372 -21.88 -3.54 8.20
CA GLY A 372 -21.93 -4.89 8.70
C GLY A 372 -21.78 -5.96 7.64
N THR A 373 -22.12 -5.66 6.39
CA THR A 373 -21.91 -6.63 5.31
C THR A 373 -20.44 -7.00 5.17
N THR A 374 -19.55 -6.02 5.33
CA THR A 374 -18.13 -6.32 5.32
C THR A 374 -17.75 -7.21 6.50
N SER A 375 -18.20 -6.83 7.69
CA SER A 375 -17.92 -7.62 8.88
C SER A 375 -18.40 -9.05 8.73
N GLU A 376 -19.61 -9.24 8.21
CA GLU A 376 -20.13 -10.59 7.97
C GLU A 376 -19.16 -11.40 7.13
N GLN A 377 -18.64 -10.80 6.05
CA GLN A 377 -17.77 -11.54 5.14
C GLN A 377 -16.43 -11.86 5.78
N ILE A 378 -15.96 -11.02 6.70
CA ILE A 378 -14.70 -11.31 7.39
C ILE A 378 -14.90 -12.49 8.34
N ILE A 379 -16.02 -12.52 9.07
CA ILE A 379 -16.31 -13.66 9.93
C ILE A 379 -16.44 -14.93 9.10
N GLU A 380 -17.10 -14.82 7.95
CA GLU A 380 -17.24 -15.98 7.07
C GLU A 380 -15.87 -16.50 6.62
N MET A 381 -14.96 -15.58 6.28
CA MET A 381 -13.61 -15.99 5.92
C MET A 381 -12.97 -16.81 7.04
N ALA A 382 -13.09 -16.34 8.28
CA ALA A 382 -12.48 -17.04 9.41
C ALA A 382 -13.02 -18.45 9.55
N ARG A 383 -14.34 -18.61 9.44
CA ARG A 383 -14.94 -19.94 9.53
C ARG A 383 -14.44 -20.84 8.41
N GLU A 384 -14.43 -20.32 7.17
CA GLU A 384 -13.94 -21.10 6.04
C GLU A 384 -12.48 -21.50 6.23
N ALA A 385 -11.71 -20.69 6.96
CA ALA A 385 -10.32 -21.03 7.26
C ALA A 385 -10.19 -22.09 8.34
N GLY A 386 -11.26 -22.40 9.06
CA GLY A 386 -11.24 -23.47 10.04
C GLY A 386 -11.54 -23.03 11.45
N ALA A 387 -11.89 -21.76 11.63
CA ALA A 387 -12.19 -21.25 12.96
C ALA A 387 -13.48 -21.87 13.49
N LYS A 388 -13.50 -22.18 14.78
CA LYS A 388 -14.71 -22.69 15.41
C LYS A 388 -15.57 -21.55 15.92
N LYS A 389 -15.27 -21.03 17.12
CA LYS A 389 -15.93 -19.84 17.62
C LYS A 389 -15.19 -18.62 17.10
N VAL A 390 -15.95 -17.65 16.58
CA VAL A 390 -15.40 -16.41 16.04
C VAL A 390 -16.03 -15.26 16.79
N TYR A 391 -15.20 -14.52 17.53
CA TYR A 391 -15.65 -13.35 18.28
C TYR A 391 -15.09 -12.09 17.63
N LEU A 392 -15.85 -11.00 17.73
CA LEU A 392 -15.51 -9.74 17.08
C LEU A 392 -15.55 -8.62 18.09
N ALA A 393 -14.52 -7.77 18.07
CA ALA A 393 -14.43 -6.62 18.95
C ALA A 393 -14.20 -5.39 18.10
N SER A 394 -14.93 -4.31 18.40
CA SER A 394 -14.86 -3.06 17.65
C SER A 394 -14.15 -2.01 18.48
N ALA A 395 -13.07 -1.45 17.93
CA ALA A 395 -12.35 -0.41 18.63
C ALA A 395 -13.21 0.82 18.86
N ALA A 396 -14.21 1.04 18.00
CA ALA A 396 -15.12 2.16 18.11
C ALA A 396 -16.46 1.73 18.70
N PRO A 397 -17.17 2.63 19.37
CA PRO A 397 -18.53 2.31 19.80
C PRO A 397 -19.44 2.06 18.60
N GLU A 398 -20.65 1.60 18.89
CA GLU A 398 -21.65 1.43 17.85
C GLU A 398 -21.81 2.72 17.05
N ILE A 399 -21.87 2.57 15.73
CA ILE A 399 -22.01 3.71 14.82
C ILE A 399 -23.47 3.78 14.42
N ARG A 400 -24.20 4.72 15.00
CA ARG A 400 -25.65 4.80 14.86
C ARG A 400 -26.14 6.02 14.11
N PHE A 401 -25.31 7.04 13.90
CA PHE A 401 -25.74 8.27 13.28
C PHE A 401 -24.78 8.66 12.16
N PRO A 402 -25.27 9.37 11.14
CA PRO A 402 -24.39 9.80 10.07
C PRO A 402 -23.52 10.97 10.49
N ASN A 403 -22.33 11.04 9.89
CA ASN A 403 -21.43 12.17 10.09
C ASN A 403 -21.72 13.24 9.05
N VAL A 404 -21.93 14.47 9.53
CA VAL A 404 -22.21 15.60 8.66
C VAL A 404 -21.11 16.65 8.75
N TYR A 405 -19.91 16.25 9.19
CA TYR A 405 -18.82 17.17 9.43
C TYR A 405 -17.60 16.90 8.56
N GLY A 406 -17.76 16.11 7.49
CA GLY A 406 -16.70 15.87 6.53
C GLY A 406 -16.33 14.42 6.34
N ILE A 407 -16.76 13.52 7.22
CA ILE A 407 -16.44 12.09 7.09
C ILE A 407 -17.60 11.44 6.33
N ASP A 408 -17.32 10.98 5.12
CA ASP A 408 -18.36 10.34 4.31
C ASP A 408 -18.86 9.08 4.98
N MET A 409 -20.16 8.98 5.18
CA MET A 409 -20.80 7.85 5.81
C MET A 409 -22.18 7.66 5.21
N PRO A 410 -22.70 6.44 5.21
CA PRO A 410 -24.06 6.21 4.68
C PRO A 410 -25.11 6.74 5.64
N SER A 411 -26.35 6.76 5.16
CA SER A 411 -27.45 7.27 5.96
C SER A 411 -27.80 6.30 7.07
N ALA A 412 -28.56 6.81 8.04
CA ALA A 412 -28.80 6.05 9.27
C ALA A 412 -29.47 4.71 8.99
N THR A 413 -30.37 4.67 8.00
CA THR A 413 -31.06 3.42 7.70
C THR A 413 -30.11 2.36 7.15
N GLU A 414 -28.91 2.75 6.70
CA GLU A 414 -27.93 1.80 6.20
C GLU A 414 -26.93 1.36 7.26
N LEU A 415 -26.96 1.97 8.45
CA LEU A 415 -26.05 1.60 9.53
C LEU A 415 -26.68 0.44 10.31
N ILE A 416 -25.95 -0.68 10.40
CA ILE A 416 -26.52 -1.87 11.02
C ILE A 416 -26.85 -1.60 12.49
N ALA A 417 -26.03 -0.81 13.17
CA ALA A 417 -26.27 -0.54 14.59
C ALA A 417 -27.48 0.36 14.81
N HIS A 418 -28.02 0.96 13.75
CA HIS A 418 -29.13 1.90 13.90
C HIS A 418 -30.40 1.14 14.28
N GLY A 419 -30.92 1.43 15.47
CA GLY A 419 -32.13 0.79 15.94
C GLY A 419 -31.97 -0.67 16.30
N ARG A 420 -30.78 -1.07 16.78
CA ARG A 420 -30.52 -2.45 17.15
C ARG A 420 -29.60 -2.50 18.37
N GLU A 421 -29.84 -3.49 19.23
CA GLU A 421 -28.94 -3.78 20.33
C GLU A 421 -27.78 -4.65 19.84
N VAL A 422 -26.80 -4.88 20.72
CA VAL A 422 -25.59 -5.59 20.33
C VAL A 422 -25.95 -6.99 19.82
N ASP A 423 -26.79 -7.72 20.54
CA ASP A 423 -27.04 -9.11 20.19
C ASP A 423 -27.70 -9.24 18.82
N GLU A 424 -28.59 -8.29 18.48
CA GLU A 424 -29.17 -8.31 17.15
C GLU A 424 -28.09 -8.19 16.09
N ILE A 425 -27.19 -7.21 16.24
CA ILE A 425 -26.09 -7.05 15.31
C ILE A 425 -25.28 -8.33 15.22
N ARG A 426 -24.90 -8.89 16.37
CA ARG A 426 -24.15 -10.14 16.41
C ARG A 426 -24.85 -11.23 15.60
N GLN A 427 -26.15 -11.41 15.84
CA GLN A 427 -26.91 -12.45 15.17
C GLN A 427 -26.97 -12.21 13.67
N ILE A 428 -26.99 -10.94 13.25
CA ILE A 428 -27.13 -10.62 11.83
C ILE A 428 -25.83 -10.88 11.09
N ILE A 429 -24.70 -10.44 11.66
CA ILE A 429 -23.42 -10.60 10.98
C ILE A 429 -22.84 -12.00 11.13
N GLY A 430 -23.41 -12.83 12.01
CA GLY A 430 -23.00 -14.21 12.14
C GLY A 430 -21.88 -14.47 13.12
N ALA A 431 -21.68 -13.60 14.10
CA ALA A 431 -20.64 -13.80 15.10
C ALA A 431 -21.16 -14.62 16.27
N ASP A 432 -20.24 -15.36 16.90
CA ASP A 432 -20.55 -16.03 18.15
C ASP A 432 -20.51 -15.08 19.34
N GLY A 433 -19.82 -13.95 19.21
CA GLY A 433 -19.84 -12.92 20.24
C GLY A 433 -19.38 -11.61 19.66
N LEU A 434 -19.98 -10.52 20.14
CA LEU A 434 -19.70 -9.19 19.62
C LEU A 434 -19.65 -8.21 20.76
N ILE A 435 -18.65 -7.34 20.75
CA ILE A 435 -18.44 -6.36 21.81
C ILE A 435 -17.95 -5.06 21.19
N PHE A 436 -18.40 -3.94 21.75
CA PHE A 436 -18.05 -2.61 21.26
C PHE A 436 -17.33 -1.84 22.35
N GLN A 437 -16.42 -0.96 21.93
CA GLN A 437 -15.82 -0.01 22.85
C GLN A 437 -16.90 0.85 23.48
N ASP A 438 -16.79 1.08 24.79
CA ASP A 438 -17.66 2.03 25.46
C ASP A 438 -17.21 3.45 25.13
N LEU A 439 -18.16 4.30 24.75
CA LEU A 439 -17.82 5.65 24.32
C LEU A 439 -17.00 6.38 25.38
N ASN A 440 -17.33 6.19 26.66
CA ASN A 440 -16.57 6.83 27.72
C ASN A 440 -15.14 6.31 27.76
N ASP A 441 -14.95 5.02 27.48
CA ASP A 441 -13.60 4.47 27.41
C ASP A 441 -12.82 5.07 26.24
N LEU A 442 -13.48 5.23 25.09
CA LEU A 442 -12.82 5.84 23.93
C LEU A 442 -12.42 7.28 24.24
N ILE A 443 -13.31 8.05 24.87
CA ILE A 443 -12.99 9.43 25.23
C ILE A 443 -11.80 9.46 26.17
N ASP A 444 -11.82 8.61 27.21
CA ASP A 444 -10.71 8.56 28.15
C ASP A 444 -9.40 8.22 27.44
N ALA A 445 -9.43 7.24 26.53
CA ALA A 445 -8.22 6.81 25.85
C ALA A 445 -7.58 7.95 25.09
N VAL A 446 -8.38 8.72 24.34
CA VAL A 446 -7.85 9.86 23.61
C VAL A 446 -7.58 11.03 24.54
N ARG A 447 -8.48 11.26 25.50
CA ARG A 447 -8.33 12.39 26.41
C ARG A 447 -7.12 12.23 27.32
N ALA A 448 -6.70 10.98 27.57
CA ALA A 448 -5.54 10.75 28.42
C ALA A 448 -4.29 11.42 27.85
N GLU A 449 -4.15 11.42 26.52
CA GLU A 449 -2.99 12.01 25.88
C GLU A 449 -3.00 13.54 25.90
N ASN A 450 -4.15 14.15 26.17
CA ASN A 450 -4.23 15.60 26.31
C ASN A 450 -5.46 15.92 27.17
N PRO A 451 -5.29 15.97 28.50
CA PRO A 451 -6.45 16.20 29.38
C PRO A 451 -7.12 17.55 29.18
N ASP A 452 -6.48 18.47 28.46
CA ASP A 452 -7.10 19.77 28.23
C ASP A 452 -8.38 19.65 27.40
N ILE A 453 -8.49 18.62 26.57
CA ILE A 453 -9.68 18.44 25.76
C ILE A 453 -10.82 17.93 26.66
N GLN A 454 -11.86 18.76 26.80
CA GLN A 454 -12.99 18.40 27.65
C GLN A 454 -14.01 17.53 26.92
N GLN A 455 -14.34 17.90 25.69
CA GLN A 455 -15.31 17.15 24.89
C GLN A 455 -14.76 16.91 23.49
N PHE A 456 -15.28 15.88 22.84
CA PHE A 456 -14.95 15.53 21.47
C PHE A 456 -16.21 15.58 20.62
N GLU A 457 -16.01 15.54 19.30
CA GLU A 457 -17.12 15.40 18.36
C GLU A 457 -17.49 13.91 18.28
N CYS A 458 -18.66 13.56 18.84
CA CYS A 458 -19.07 12.16 18.96
C CYS A 458 -20.39 11.88 18.25
N SER A 459 -20.77 12.72 17.27
CA SER A 459 -22.13 12.65 16.75
C SER A 459 -22.49 11.27 16.23
N VAL A 460 -21.56 10.61 15.53
CA VAL A 460 -21.89 9.32 14.93
C VAL A 460 -22.19 8.27 16.00
N PHE A 461 -21.70 8.47 17.22
CA PHE A 461 -21.88 7.48 18.28
C PHE A 461 -23.10 7.78 19.14
N ASN A 462 -23.34 9.04 19.50
CA ASN A 462 -24.41 9.39 20.43
C ASN A 462 -25.48 10.28 19.82
N GLY A 463 -25.33 10.73 18.58
CA GLY A 463 -26.30 11.60 17.94
C GLY A 463 -26.26 13.03 18.37
N VAL A 464 -25.31 13.41 19.23
CA VAL A 464 -25.17 14.79 19.70
C VAL A 464 -24.37 15.56 18.66
N TYR A 465 -25.03 16.46 17.93
CA TYR A 465 -24.40 17.29 16.91
C TYR A 465 -24.09 18.67 17.51
N VAL A 466 -22.80 18.99 17.62
CA VAL A 466 -22.38 20.19 18.32
C VAL A 466 -22.80 21.47 17.61
N THR A 467 -23.08 21.43 16.31
CA THR A 467 -23.49 22.64 15.61
C THR A 467 -24.97 22.95 15.80
N LYS A 468 -25.79 21.94 16.10
CA LYS A 468 -27.19 22.13 16.52
C LYS A 468 -28.08 22.60 15.39
N ASP A 469 -27.83 22.14 14.16
CA ASP A 469 -28.73 22.43 13.04
C ASP A 469 -28.97 21.20 12.18
N VAL A 470 -28.79 20.00 12.74
CA VAL A 470 -28.99 18.75 12.03
C VAL A 470 -30.39 18.25 12.33
N ASP A 471 -31.32 18.47 11.40
CA ASP A 471 -32.68 17.95 11.51
C ASP A 471 -32.97 17.01 10.34
N GLN A 472 -34.17 16.43 10.35
CA GLN A 472 -34.55 15.51 9.29
C GLN A 472 -34.59 16.18 7.92
N GLY A 473 -34.92 17.48 7.88
CA GLY A 473 -34.92 18.17 6.61
C GLY A 473 -33.54 18.29 6.01
N TYR A 474 -32.54 18.51 6.87
CA TYR A 474 -31.16 18.56 6.39
C TYR A 474 -30.68 17.19 5.94
N LEU A 475 -31.08 16.13 6.65
CA LEU A 475 -30.68 14.79 6.23
C LEU A 475 -31.27 14.45 4.86
N ASP A 476 -32.46 14.97 4.58
CA ASP A 476 -33.09 14.75 3.28
C ASP A 476 -32.33 15.48 2.18
N PHE A 477 -31.82 16.69 2.47
CA PHE A 477 -31.02 17.41 1.48
C PHE A 477 -29.79 16.61 1.07
N LEU A 478 -29.17 15.91 2.01
CA LEU A 478 -27.98 15.13 1.69
C LEU A 478 -28.34 13.91 0.85
N ASP A 479 -29.48 13.27 1.14
CA ASP A 479 -29.91 12.12 0.35
C ASP A 479 -30.27 12.52 -1.08
N THR A 480 -30.64 13.78 -1.30
CA THR A 480 -30.82 14.27 -2.67
C THR A 480 -29.48 14.36 -3.39
N LEU A 481 -28.47 14.92 -2.71
CA LEU A 481 -27.15 15.03 -3.32
C LEU A 481 -26.59 13.65 -3.67
N ARG A 482 -26.80 12.66 -2.80
CA ARG A 482 -26.33 11.31 -3.09
C ARG A 482 -27.08 10.69 -4.26
N ASN A 483 -28.36 11.03 -4.43
CA ASN A 483 -29.10 10.51 -5.57
C ASN A 483 -28.51 11.05 -6.87
N ASP A 484 -28.21 12.35 -6.90
CA ASP A 484 -27.60 12.95 -8.09
C ASP A 484 -26.17 12.47 -8.30
N ASP A 485 -25.45 12.20 -7.21
CA ASP A 485 -24.09 11.67 -7.34
C ASP A 485 -24.09 10.33 -8.06
N ALA A 486 -25.06 9.46 -7.73
CA ALA A 486 -25.12 8.14 -8.36
C ALA A 486 -25.46 8.26 -9.85
N LYS A 487 -26.35 9.19 -10.20
CA LYS A 487 -26.74 9.35 -11.60
C LYS A 487 -25.58 9.86 -12.45
N ALA A 488 -24.72 10.72 -11.88
CA ALA A 488 -23.58 11.23 -12.64
C ALA A 488 -22.54 10.14 -12.84
N VAL A 489 -22.27 9.33 -11.82
CA VAL A 489 -21.33 8.23 -11.95
C VAL A 489 -21.86 7.19 -12.92
N GLN A 490 -23.16 6.90 -12.85
CA GLN A 490 -23.75 5.92 -13.75
C GLN A 490 -23.60 6.35 -15.21
N ARG A 491 -23.83 7.64 -15.50
CA ARG A 491 -23.76 8.09 -16.88
C ARG A 491 -22.34 8.03 -17.43
N GLN A 492 -21.34 8.21 -16.58
CA GLN A 492 -19.96 8.05 -17.01
C GLN A 492 -19.66 6.60 -17.35
N ASN A 493 -20.21 5.66 -16.57
CA ASN A 493 -19.95 4.25 -16.80
C ASN A 493 -20.57 3.77 -18.11
N GLU A 494 -21.81 4.17 -18.38
CA GLU A 494 -22.44 3.83 -19.66
C GLU A 494 -21.59 4.31 -20.83
N VAL A 495 -21.01 5.50 -20.72
CA VAL A 495 -20.33 6.11 -21.85
C VAL A 495 -18.97 5.48 -22.07
N GLU A 496 -18.35 4.96 -21.02
CA GLU A 496 -17.20 4.07 -21.19
C GLU A 496 -17.69 2.67 -21.57
N CYS B 1 10.05 -11.80 -9.82
CA CYS B 1 8.90 -11.99 -10.75
C CYS B 1 7.91 -13.00 -10.20
N GLY B 2 6.68 -12.94 -10.70
CA GLY B 2 5.65 -13.89 -10.32
C GLY B 2 4.89 -14.33 -11.55
N ILE B 3 4.37 -15.56 -11.49
CA ILE B 3 3.71 -16.18 -12.64
C ILE B 3 2.39 -16.79 -12.20
N VAL B 4 1.47 -16.91 -13.14
CA VAL B 4 0.18 -17.54 -12.92
C VAL B 4 -0.21 -18.30 -14.17
N GLY B 5 -0.83 -19.46 -13.99
CA GLY B 5 -1.43 -20.20 -15.08
C GLY B 5 -2.75 -20.80 -14.66
N ILE B 6 -3.81 -20.57 -15.43
CA ILE B 6 -5.14 -21.08 -15.11
C ILE B 6 -5.64 -21.87 -16.31
N ALA B 7 -5.81 -23.17 -16.13
CA ALA B 7 -6.45 -24.04 -17.13
C ALA B 7 -7.88 -24.28 -16.64
N GLY B 8 -8.83 -23.50 -17.15
CA GLY B 8 -10.19 -23.50 -16.65
C GLY B 8 -11.21 -23.93 -17.69
N VAL B 9 -12.47 -23.88 -17.27
CA VAL B 9 -13.61 -24.19 -18.12
C VAL B 9 -14.50 -22.98 -18.34
N MET B 10 -14.11 -21.81 -17.85
CA MET B 10 -14.83 -20.57 -18.09
C MET B 10 -13.80 -19.45 -18.19
N PRO B 11 -14.19 -18.30 -18.73
CA PRO B 11 -13.19 -17.24 -19.00
C PRO B 11 -12.28 -16.98 -17.81
N VAL B 12 -10.99 -16.82 -18.10
CA VAL B 12 -9.95 -16.72 -17.08
C VAL B 12 -9.33 -15.34 -17.01
N ASN B 13 -9.74 -14.40 -17.86
CA ASN B 13 -9.09 -13.11 -17.92
C ASN B 13 -9.10 -12.41 -16.56
N GLN B 14 -10.29 -12.30 -15.95
CA GLN B 14 -10.40 -11.60 -14.67
C GLN B 14 -9.68 -12.38 -13.57
N SER B 15 -9.74 -13.71 -13.62
CA SER B 15 -9.07 -14.52 -12.61
C SER B 15 -7.56 -14.28 -12.63
N ILE B 16 -6.96 -14.30 -13.83
CA ILE B 16 -5.53 -14.06 -13.95
C ILE B 16 -5.19 -12.65 -13.45
N TYR B 17 -5.98 -11.66 -13.87
CA TYR B 17 -5.80 -10.30 -13.39
C TYR B 17 -5.83 -10.25 -11.87
N ASP B 18 -6.81 -10.93 -11.27
CA ASP B 18 -6.94 -10.93 -9.81
C ASP B 18 -5.77 -11.65 -9.14
N ALA B 19 -5.28 -12.73 -9.76
CA ALA B 19 -4.17 -13.46 -9.18
C ALA B 19 -2.87 -12.66 -9.25
N LEU B 20 -2.66 -11.93 -10.35
CA LEU B 20 -1.47 -11.10 -10.45
C LEU B 20 -1.48 -9.97 -9.42
N THR B 21 -2.68 -9.47 -9.07
CA THR B 21 -2.74 -8.37 -8.13
C THR B 21 -2.29 -8.78 -6.73
N VAL B 22 -2.50 -10.04 -6.34
CA VAL B 22 -1.99 -10.53 -5.06
C VAL B 22 -0.57 -11.07 -5.18
N LEU B 23 -0.03 -11.13 -6.39
CA LEU B 23 1.38 -11.40 -6.61
C LEU B 23 2.13 -10.14 -7.03
N GLN B 24 1.46 -9.00 -7.05
CA GLN B 24 2.09 -7.75 -7.49
C GLN B 24 3.33 -7.42 -6.68
N HIS B 25 3.44 -7.90 -5.45
CA HIS B 25 4.60 -7.64 -4.62
C HIS B 25 5.88 -8.29 -5.17
N ARG B 26 5.76 -9.21 -6.11
CA ARG B 26 6.90 -9.90 -6.70
C ARG B 26 7.48 -9.15 -7.89
N GLY B 27 6.89 -8.01 -8.26
CA GLY B 27 7.39 -7.22 -9.37
C GLY B 27 6.36 -6.22 -9.83
N GLN B 28 6.74 -4.94 -9.85
CA GLN B 28 5.83 -3.85 -10.19
C GLN B 28 6.29 -3.08 -11.42
N ASP B 29 7.20 -3.66 -12.20
CA ASP B 29 7.75 -2.98 -13.37
C ASP B 29 6.89 -3.18 -14.61
N ALA B 30 6.35 -4.38 -14.80
CA ALA B 30 5.56 -4.68 -15.97
C ALA B 30 4.62 -5.83 -15.63
N ALA B 31 3.65 -6.06 -16.51
CA ALA B 31 2.68 -7.12 -16.32
C ALA B 31 2.21 -7.61 -17.70
N GLY B 32 1.85 -8.89 -17.75
CA GLY B 32 1.40 -9.48 -19.00
C GLY B 32 0.44 -10.63 -18.80
N ILE B 33 -0.60 -10.68 -19.62
CA ILE B 33 -1.57 -11.76 -19.64
C ILE B 33 -1.77 -12.19 -21.08
N ILE B 34 -1.83 -13.49 -21.31
CA ILE B 34 -2.05 -14.03 -22.64
C ILE B 34 -2.98 -15.24 -22.52
N THR B 35 -3.96 -15.32 -23.41
CA THR B 35 -4.97 -16.37 -23.37
C THR B 35 -5.07 -17.03 -24.74
N ILE B 36 -5.61 -18.25 -24.75
CA ILE B 36 -5.93 -18.96 -25.97
C ILE B 36 -7.44 -18.89 -26.16
N ASP B 37 -7.87 -18.25 -27.25
CA ASP B 37 -9.29 -17.99 -27.48
C ASP B 37 -9.94 -19.16 -28.21
N ALA B 38 -11.21 -18.98 -28.59
CA ALA B 38 -11.99 -20.06 -29.17
C ALA B 38 -11.48 -20.50 -30.53
N ASN B 39 -10.63 -19.71 -31.18
CA ASN B 39 -10.01 -20.10 -32.44
C ASN B 39 -8.57 -20.58 -32.26
N ASN B 40 -8.18 -20.89 -31.02
CA ASN B 40 -6.83 -21.36 -30.73
C ASN B 40 -5.80 -20.35 -31.21
N CYS B 41 -6.01 -19.09 -30.83
CA CYS B 41 -5.11 -18.00 -31.15
C CYS B 41 -4.69 -17.30 -29.86
N PHE B 42 -3.38 -17.12 -29.68
CA PHE B 42 -2.89 -16.28 -28.59
C PHE B 42 -3.52 -14.90 -28.66
N ARG B 43 -3.93 -14.40 -27.50
CA ARG B 43 -4.46 -13.05 -27.35
C ARG B 43 -3.74 -12.41 -26.18
N LEU B 44 -3.10 -11.28 -26.43
CA LEU B 44 -2.07 -10.78 -25.54
C LEU B 44 -2.28 -9.33 -25.17
N ARG B 45 -1.88 -9.00 -23.94
CA ARG B 45 -1.78 -7.61 -23.49
C ARG B 45 -0.65 -7.56 -22.46
N LYS B 46 0.38 -6.78 -22.76
CA LYS B 46 1.46 -6.56 -21.82
C LYS B 46 2.01 -5.16 -22.02
N ALA B 47 2.53 -4.58 -20.95
CA ALA B 47 3.06 -3.22 -20.98
C ALA B 47 3.81 -2.99 -19.67
N ASN B 48 4.38 -1.80 -19.54
CA ASN B 48 5.03 -1.41 -18.29
C ASN B 48 4.00 -0.91 -17.29
N GLY B 49 4.28 -1.17 -16.02
CA GLY B 49 3.52 -0.60 -14.93
C GLY B 49 2.86 -1.67 -14.08
N LEU B 50 1.95 -1.22 -13.22
CA LEU B 50 1.20 -2.11 -12.34
C LEU B 50 0.09 -2.80 -13.11
N VAL B 51 -0.36 -3.93 -12.57
CA VAL B 51 -1.48 -4.66 -13.17
C VAL B 51 -2.67 -3.73 -13.36
N SER B 52 -2.97 -2.90 -12.36
CA SER B 52 -4.14 -2.05 -12.43
C SER B 52 -4.00 -0.94 -13.47
N ASP B 53 -2.78 -0.62 -13.88
CA ASP B 53 -2.56 0.34 -14.96
C ASP B 53 -2.50 -0.35 -16.33
N VAL B 54 -1.94 -1.55 -16.38
CA VAL B 54 -1.64 -2.19 -17.66
C VAL B 54 -2.93 -2.61 -18.36
N PHE B 55 -3.89 -3.15 -17.62
CA PHE B 55 -5.06 -3.80 -18.20
C PHE B 55 -6.27 -2.88 -18.05
N GLU B 56 -6.67 -2.26 -19.15
CA GLU B 56 -7.89 -1.48 -19.21
C GLU B 56 -9.03 -2.38 -19.67
N ALA B 57 -10.23 -1.82 -19.74
CA ALA B 57 -11.38 -2.58 -20.22
C ALA B 57 -11.15 -3.07 -21.64
N ARG B 58 -10.60 -2.21 -22.51
CA ARG B 58 -10.42 -2.58 -23.91
C ARG B 58 -9.48 -3.76 -24.08
N HIS B 59 -8.55 -3.95 -23.14
CA HIS B 59 -7.63 -5.08 -23.22
C HIS B 59 -8.25 -6.35 -22.65
N MET B 60 -9.20 -6.24 -21.73
CA MET B 60 -9.78 -7.43 -21.12
C MET B 60 -10.80 -8.09 -22.02
N GLN B 61 -11.48 -7.32 -22.86
CA GLN B 61 -12.34 -7.93 -23.88
C GLN B 61 -11.51 -8.70 -24.89
N ARG B 62 -10.27 -8.25 -25.13
CA ARG B 62 -9.38 -8.94 -26.04
C ARG B 62 -8.91 -10.28 -25.47
N LEU B 63 -8.80 -10.39 -24.15
CA LEU B 63 -8.23 -11.57 -23.51
C LEU B 63 -9.34 -12.61 -23.28
N GLN B 64 -9.83 -13.15 -24.38
CA GLN B 64 -10.85 -14.19 -24.36
C GLN B 64 -10.21 -15.56 -24.30
N GLY B 65 -10.93 -16.50 -23.68
CA GLY B 65 -10.49 -17.89 -23.60
C GLY B 65 -10.61 -18.43 -22.19
N ASN B 66 -10.48 -19.75 -22.10
CA ASN B 66 -10.57 -20.47 -20.83
C ASN B 66 -9.21 -20.96 -20.34
N MET B 67 -8.12 -20.54 -20.96
CA MET B 67 -6.78 -20.92 -20.57
C MET B 67 -5.85 -19.73 -20.80
N GLY B 68 -4.98 -19.47 -19.83
CA GLY B 68 -4.09 -18.32 -19.94
C GLY B 68 -3.01 -18.37 -18.88
N ILE B 69 -2.00 -17.53 -19.08
CA ILE B 69 -0.91 -17.37 -18.13
C ILE B 69 -0.68 -15.88 -17.89
N GLY B 70 -0.03 -15.57 -16.77
CA GLY B 70 0.27 -14.20 -16.43
C GLY B 70 1.66 -14.06 -15.83
N HIS B 71 2.16 -12.83 -15.84
CA HIS B 71 3.49 -12.54 -15.34
C HIS B 71 3.55 -11.10 -14.85
N VAL B 72 4.25 -10.90 -13.73
CA VAL B 72 4.61 -9.56 -13.26
C VAL B 72 6.12 -9.53 -13.10
N ARG B 73 6.73 -8.42 -13.51
CA ARG B 73 8.18 -8.35 -13.65
C ARG B 73 8.81 -7.49 -12.56
N TYR B 74 9.91 -8.00 -12.02
CA TYR B 74 10.83 -7.25 -11.18
C TYR B 74 12.02 -6.83 -12.02
N PRO B 75 12.43 -5.56 -12.00
CA PRO B 75 13.50 -5.13 -12.92
C PRO B 75 14.80 -5.87 -12.67
N THR B 76 15.32 -6.48 -13.73
CA THR B 76 16.57 -7.23 -13.68
C THR B 76 17.44 -6.86 -14.87
N ALA B 77 18.60 -7.51 -14.95
CA ALA B 77 19.52 -7.31 -16.07
C ALA B 77 19.03 -8.04 -17.31
N GLY B 78 18.85 -7.31 -18.40
CA GLY B 78 18.36 -7.85 -19.65
C GLY B 78 16.90 -7.58 -19.91
N SER B 79 16.10 -7.37 -18.86
CA SER B 79 14.68 -7.07 -18.99
C SER B 79 14.39 -5.83 -18.13
N SER B 80 14.91 -4.68 -18.58
CA SER B 80 14.75 -3.46 -17.82
C SER B 80 13.34 -2.91 -18.03
N SER B 81 13.03 -1.84 -17.28
CA SER B 81 11.73 -1.19 -17.44
C SER B 81 11.50 -0.78 -18.88
N ALA B 82 12.55 -0.32 -19.57
CA ALA B 82 12.44 0.13 -20.95
C ALA B 82 12.36 -1.01 -21.95
N SER B 83 12.39 -2.26 -21.52
CA SER B 83 12.44 -3.41 -22.41
C SER B 83 11.04 -4.00 -22.62
N GLU B 84 10.96 -4.88 -23.61
CA GLU B 84 9.77 -5.68 -23.83
C GLU B 84 9.55 -6.64 -22.66
N ALA B 85 8.31 -6.74 -22.21
CA ALA B 85 7.98 -7.51 -21.03
C ALA B 85 7.60 -8.95 -21.40
N GLN B 86 7.28 -9.75 -20.37
CA GLN B 86 6.76 -11.10 -20.52
C GLN B 86 5.24 -11.07 -20.52
N PRO B 87 4.59 -12.12 -21.07
CA PRO B 87 5.18 -13.33 -21.63
C PRO B 87 5.59 -13.18 -23.10
N PHE B 88 6.53 -14.01 -23.54
CA PHE B 88 6.91 -14.10 -24.93
C PHE B 88 6.17 -15.28 -25.58
N TYR B 89 6.16 -15.29 -26.91
CA TYR B 89 5.62 -16.43 -27.62
C TYR B 89 6.24 -16.54 -29.01
N VAL B 90 6.30 -17.77 -29.50
CA VAL B 90 6.71 -18.08 -30.86
C VAL B 90 5.56 -18.82 -31.53
N ASN B 91 5.46 -18.69 -32.85
CA ASN B 91 4.36 -19.29 -33.60
C ASN B 91 4.76 -20.61 -34.24
N SER B 92 5.94 -21.14 -33.91
CA SER B 92 6.36 -22.42 -34.45
C SER B 92 7.30 -23.06 -33.43
N PRO B 93 7.11 -24.35 -33.09
CA PRO B 93 6.04 -25.22 -33.60
C PRO B 93 4.72 -25.04 -32.88
N TYR B 94 3.61 -25.08 -33.62
CA TYR B 94 2.26 -25.12 -33.07
C TYR B 94 1.82 -23.80 -32.46
N GLY B 95 2.73 -23.10 -31.78
CA GLY B 95 2.39 -21.88 -31.08
C GLY B 95 2.58 -22.05 -29.58
N ILE B 96 3.59 -21.38 -29.03
CA ILE B 96 4.00 -21.60 -27.65
C ILE B 96 4.26 -20.26 -26.98
N THR B 97 3.80 -20.13 -25.74
CA THR B 97 4.05 -18.96 -24.91
C THR B 97 4.54 -19.42 -23.55
N LEU B 98 5.35 -18.59 -22.90
CA LEU B 98 5.98 -18.98 -21.64
C LEU B 98 6.17 -17.77 -20.74
N ALA B 99 5.99 -17.98 -19.43
CA ALA B 99 6.29 -17.01 -18.40
C ALA B 99 7.22 -17.67 -17.38
N HIS B 100 8.11 -16.87 -16.81
CA HIS B 100 9.27 -17.42 -16.12
C HIS B 100 9.70 -16.53 -14.96
N ASN B 101 9.98 -17.16 -13.83
CA ASN B 101 10.55 -16.52 -12.65
C ASN B 101 11.85 -17.23 -12.31
N GLY B 102 12.96 -16.53 -12.49
CA GLY B 102 14.27 -17.10 -12.24
C GLY B 102 15.31 -16.47 -13.14
N ASN B 103 16.39 -17.22 -13.41
CA ASN B 103 17.51 -16.69 -14.17
C ASN B 103 18.36 -17.86 -14.68
N LEU B 104 18.78 -17.77 -15.94
CA LEU B 104 19.61 -18.78 -16.56
C LEU B 104 21.07 -18.33 -16.54
N THR B 105 21.92 -19.13 -15.89
CA THR B 105 23.33 -18.78 -15.73
C THR B 105 24.17 -19.08 -16.97
N ASN B 106 23.65 -19.83 -17.93
CA ASN B 106 24.34 -20.09 -19.18
C ASN B 106 23.60 -19.48 -20.36
N ALA B 107 22.95 -18.33 -20.13
CA ALA B 107 22.16 -17.69 -21.18
C ALA B 107 23.00 -17.42 -22.42
N HIS B 108 24.25 -16.97 -22.25
CA HIS B 108 25.07 -16.61 -23.40
C HIS B 108 25.34 -17.83 -24.27
N GLU B 109 25.77 -18.94 -23.65
CA GLU B 109 25.99 -20.17 -24.41
C GLU B 109 24.73 -20.62 -25.13
N LEU B 110 23.57 -20.47 -24.48
CA LEU B 110 22.33 -20.94 -25.09
C LEU B 110 21.95 -20.10 -26.30
N ARG B 111 22.14 -18.78 -26.23
CA ARG B 111 21.85 -17.93 -27.38
C ARG B 111 22.72 -18.33 -28.57
N LYS B 112 24.01 -18.60 -28.32
CA LYS B 112 24.90 -19.06 -29.37
C LYS B 112 24.39 -20.34 -30.02
N LYS B 113 24.11 -21.36 -29.21
CA LYS B 113 23.65 -22.63 -29.76
C LYS B 113 22.37 -22.47 -30.56
N LEU B 114 21.45 -21.62 -30.09
CA LEU B 114 20.20 -21.40 -30.81
C LEU B 114 20.46 -20.83 -32.20
N PHE B 115 21.43 -19.92 -32.31
CA PHE B 115 21.69 -19.25 -33.58
C PHE B 115 22.36 -20.18 -34.58
N GLU B 116 23.36 -20.94 -34.15
CA GLU B 116 24.13 -21.77 -35.07
C GLU B 116 23.37 -23.02 -35.50
N GLU B 117 22.81 -23.75 -34.54
CA GLU B 117 22.21 -25.06 -34.83
C GLU B 117 20.79 -24.94 -35.35
N LYS B 118 20.03 -23.96 -34.88
CA LYS B 118 18.61 -23.84 -35.20
C LYS B 118 18.26 -22.57 -35.96
N ARG B 119 19.21 -21.64 -36.12
CA ARG B 119 18.91 -20.34 -36.73
C ARG B 119 17.71 -19.69 -36.07
N ARG B 120 17.68 -19.75 -34.74
CA ARG B 120 16.62 -19.13 -33.96
C ARG B 120 17.14 -17.83 -33.36
N HIS B 121 16.54 -16.72 -33.77
CA HIS B 121 17.00 -15.40 -33.36
C HIS B 121 16.32 -14.99 -32.06
N ILE B 122 17.11 -14.46 -31.13
CA ILE B 122 16.62 -13.97 -29.85
C ILE B 122 16.63 -12.45 -29.93
N ASN B 123 15.45 -11.85 -29.89
CA ASN B 123 15.31 -10.43 -30.18
C ASN B 123 15.50 -9.53 -28.96
N THR B 124 15.45 -10.09 -27.75
CA THR B 124 15.64 -9.32 -26.54
C THR B 124 16.78 -9.93 -25.72
N THR B 125 17.14 -9.22 -24.65
CA THR B 125 18.15 -9.70 -23.71
C THR B 125 17.55 -10.47 -22.55
N SER B 126 16.24 -10.76 -22.60
CA SER B 126 15.59 -11.53 -21.55
C SER B 126 15.94 -13.01 -21.70
N ASP B 127 16.41 -13.62 -20.62
CA ASP B 127 16.70 -15.04 -20.64
C ASP B 127 15.43 -15.88 -20.76
N SER B 128 14.26 -15.30 -20.48
CA SER B 128 13.01 -16.03 -20.66
C SER B 128 12.75 -16.32 -22.13
N GLU B 129 13.05 -15.36 -23.01
CA GLU B 129 12.90 -15.61 -24.44
C GLU B 129 13.79 -16.76 -24.88
N ILE B 130 15.01 -16.83 -24.33
CA ILE B 130 15.89 -17.95 -24.61
C ILE B 130 15.26 -19.25 -24.14
N LEU B 131 14.80 -19.27 -22.89
CA LEU B 131 14.16 -20.48 -22.34
C LEU B 131 12.99 -20.91 -23.20
N LEU B 132 12.19 -19.96 -23.69
CA LEU B 132 11.07 -20.29 -24.57
C LEU B 132 11.56 -20.98 -25.84
N ASN B 133 12.66 -20.49 -26.42
CA ASN B 133 13.12 -21.02 -27.70
C ASN B 133 13.81 -22.37 -27.56
N ILE B 134 14.54 -22.61 -26.47
CA ILE B 134 15.07 -23.94 -26.22
C ILE B 134 13.93 -24.96 -26.18
N PHE B 135 12.90 -24.67 -25.39
CA PHE B 135 11.75 -25.56 -25.28
C PHE B 135 11.07 -25.74 -26.64
N ALA B 136 10.87 -24.64 -27.37
CA ALA B 136 10.29 -24.75 -28.70
C ALA B 136 11.15 -25.61 -29.61
N SER B 137 12.48 -25.50 -29.49
CA SER B 137 13.38 -26.31 -30.29
C SER B 137 13.12 -27.80 -30.06
N GLU B 138 13.14 -28.23 -28.80
CA GLU B 138 12.94 -29.65 -28.49
C GLU B 138 11.55 -30.12 -28.93
N LEU B 139 10.55 -29.24 -28.91
CA LEU B 139 9.21 -29.61 -29.33
C LEU B 139 9.12 -29.79 -30.84
N ASP B 140 10.01 -29.15 -31.61
CA ASP B 140 9.97 -29.26 -33.06
C ASP B 140 10.51 -30.60 -33.57
N ASN B 141 11.28 -31.31 -32.74
CA ASN B 141 11.82 -32.60 -33.17
C ASN B 141 10.72 -33.61 -33.43
N PHE B 142 9.63 -33.55 -32.67
CA PHE B 142 8.51 -34.46 -32.87
C PHE B 142 7.74 -34.01 -34.11
N ARG B 143 7.60 -34.91 -35.08
CA ARG B 143 7.00 -34.58 -36.36
C ARG B 143 5.53 -34.94 -36.45
N HIS B 144 5.13 -36.10 -35.92
CA HIS B 144 3.74 -36.49 -35.95
C HIS B 144 2.89 -35.58 -35.07
N TYR B 145 1.59 -35.57 -35.35
CA TYR B 145 0.63 -34.70 -34.68
C TYR B 145 -0.60 -35.50 -34.29
N PRO B 146 -1.18 -35.25 -33.10
CA PRO B 146 -0.74 -34.28 -32.09
C PRO B 146 0.44 -34.79 -31.26
N LEU B 147 1.09 -33.89 -30.54
CA LEU B 147 2.08 -34.32 -29.55
C LEU B 147 1.37 -35.09 -28.44
N GLU B 148 2.07 -36.08 -27.90
CA GLU B 148 1.60 -36.83 -26.75
C GLU B 148 2.27 -36.31 -25.49
N ALA B 149 1.58 -36.48 -24.35
CA ALA B 149 2.11 -36.01 -23.08
C ALA B 149 3.57 -36.40 -22.91
N ASP B 150 3.94 -37.62 -23.31
CA ASP B 150 5.33 -38.06 -23.16
C ASP B 150 6.25 -37.26 -24.05
N ASN B 151 5.78 -36.83 -25.22
CA ASN B 151 6.59 -35.95 -26.06
C ASN B 151 6.92 -34.66 -25.33
N ILE B 152 5.91 -34.03 -24.71
CA ILE B 152 6.11 -32.75 -24.05
C ILE B 152 7.05 -32.90 -22.86
N PHE B 153 6.84 -33.94 -22.05
CA PHE B 153 7.75 -34.19 -20.93
C PHE B 153 9.16 -34.47 -21.43
N ALA B 154 9.27 -35.19 -22.55
CA ALA B 154 10.59 -35.41 -23.15
C ALA B 154 11.26 -34.09 -23.51
N ALA B 155 10.48 -33.15 -24.07
CA ALA B 155 11.05 -31.85 -24.41
C ALA B 155 11.45 -31.08 -23.17
N ILE B 156 10.67 -31.20 -22.09
CA ILE B 156 11.02 -30.51 -20.85
C ILE B 156 12.29 -31.12 -20.25
N ALA B 157 12.40 -32.46 -20.30
CA ALA B 157 13.61 -33.10 -19.79
C ALA B 157 14.83 -32.69 -20.60
N ALA B 158 14.71 -32.68 -21.93
CA ALA B 158 15.79 -32.22 -22.77
C ALA B 158 16.19 -30.79 -22.42
N THR B 159 15.20 -29.94 -22.15
CA THR B 159 15.49 -28.55 -21.81
C THR B 159 16.26 -28.45 -20.50
N ASN B 160 15.85 -29.22 -19.49
CA ASN B 160 16.55 -29.20 -18.20
C ASN B 160 17.99 -29.65 -18.35
N ARG B 161 18.27 -30.52 -19.32
CA ARG B 161 19.65 -30.96 -19.56
C ARG B 161 20.48 -29.82 -20.16
N LEU B 162 19.85 -28.94 -20.93
CA LEU B 162 20.57 -27.88 -21.62
C LEU B 162 20.77 -26.65 -20.75
N ILE B 163 19.74 -26.23 -20.02
CA ILE B 163 19.76 -24.95 -19.31
C ILE B 163 20.24 -25.17 -17.88
N ARG B 164 20.90 -24.15 -17.33
CA ARG B 164 21.39 -24.17 -15.96
C ARG B 164 20.87 -22.95 -15.23
N GLY B 165 20.57 -23.11 -13.94
CA GLY B 165 20.16 -21.99 -13.12
C GLY B 165 18.97 -22.29 -12.23
N ALA B 166 18.11 -21.28 -12.06
CA ALA B 166 16.89 -21.39 -11.26
C ALA B 166 15.73 -20.88 -12.08
N TYR B 167 14.62 -21.61 -12.08
CA TYR B 167 13.48 -21.20 -12.89
C TYR B 167 12.21 -21.92 -12.45
N ALA B 168 11.15 -21.13 -12.30
CA ALA B 168 9.77 -21.64 -12.26
C ALA B 168 9.07 -21.13 -13.51
N CYS B 169 8.47 -22.05 -14.27
CA CYS B 169 7.92 -21.70 -15.58
C CYS B 169 6.48 -22.17 -15.70
N VAL B 170 5.71 -21.41 -16.48
CA VAL B 170 4.39 -21.82 -16.94
C VAL B 170 4.30 -21.47 -18.42
N ALA B 171 3.61 -22.31 -19.18
CA ALA B 171 3.56 -22.13 -20.62
C ALA B 171 2.32 -22.79 -21.19
N MET B 172 1.97 -22.40 -22.41
CA MET B 172 0.87 -22.97 -23.15
C MET B 172 1.34 -23.42 -24.52
N ILE B 173 0.71 -24.47 -25.04
CA ILE B 173 1.00 -25.00 -26.37
C ILE B 173 -0.33 -25.11 -27.09
N ILE B 174 -0.51 -24.32 -28.15
CA ILE B 174 -1.80 -24.29 -28.83
C ILE B 174 -2.16 -25.69 -29.31
N GLY B 175 -3.42 -26.06 -29.09
CA GLY B 175 -3.92 -27.36 -29.48
C GLY B 175 -3.63 -28.48 -28.49
N HIS B 176 -2.95 -28.19 -27.39
CA HIS B 176 -2.58 -29.23 -26.43
C HIS B 176 -2.99 -28.84 -25.01
N GLY B 177 -2.34 -27.83 -24.45
CA GLY B 177 -2.73 -27.38 -23.12
C GLY B 177 -1.63 -26.56 -22.46
N MET B 178 -1.55 -26.70 -21.13
CA MET B 178 -0.68 -25.88 -20.30
C MET B 178 0.35 -26.76 -19.61
N VAL B 179 1.60 -26.28 -19.55
CA VAL B 179 2.65 -26.99 -18.84
C VAL B 179 3.25 -26.06 -17.78
N ALA B 180 3.91 -26.67 -16.80
CA ALA B 180 4.63 -25.96 -15.76
C ALA B 180 5.72 -26.87 -15.25
N PHE B 181 6.88 -26.30 -14.94
CA PHE B 181 7.99 -27.09 -14.41
C PHE B 181 8.87 -26.23 -13.51
N ARG B 182 9.75 -26.91 -12.79
CA ARG B 182 10.59 -26.31 -11.76
C ARG B 182 12.02 -26.77 -11.98
N ASP B 183 12.97 -25.90 -11.63
CA ASP B 183 14.37 -26.25 -11.79
C ASP B 183 14.71 -27.46 -10.92
N PRO B 184 15.74 -28.23 -11.29
CA PRO B 184 16.05 -29.45 -10.53
C PRO B 184 16.48 -29.20 -9.10
N ASN B 185 16.80 -27.95 -8.73
CA ASN B 185 17.15 -27.62 -7.35
C ASN B 185 15.98 -27.05 -6.56
N GLY B 186 14.79 -26.95 -7.18
CA GLY B 186 13.63 -26.40 -6.52
C GLY B 186 13.93 -25.08 -5.84
N ILE B 187 14.57 -24.16 -6.57
CA ILE B 187 14.95 -22.88 -5.98
C ILE B 187 13.80 -21.90 -6.01
N ARG B 188 13.14 -21.77 -7.15
CA ARG B 188 12.08 -20.77 -7.30
C ARG B 188 10.73 -21.38 -6.97
N PRO B 189 9.84 -20.64 -6.31
CA PRO B 189 8.60 -21.24 -5.80
C PRO B 189 7.55 -21.46 -6.88
N LEU B 190 6.81 -22.55 -6.73
CA LEU B 190 5.72 -22.89 -7.65
C LEU B 190 4.81 -23.86 -6.93
N VAL B 191 3.50 -23.57 -6.92
CA VAL B 191 2.53 -24.43 -6.27
C VAL B 191 1.39 -24.72 -7.25
N LEU B 192 0.70 -25.82 -6.99
CA LEU B 192 -0.37 -26.32 -7.85
C LEU B 192 -1.69 -26.36 -7.08
N GLY B 193 -2.78 -26.09 -7.80
CA GLY B 193 -4.10 -26.06 -7.19
C GLY B 193 -5.16 -26.54 -8.15
N LYS B 194 -6.38 -26.67 -7.61
CA LYS B 194 -7.52 -27.13 -8.38
C LYS B 194 -8.78 -26.49 -7.83
N ARG B 195 -9.85 -26.56 -8.61
CA ARG B 195 -11.16 -26.07 -8.19
C ARG B 195 -12.24 -26.88 -8.89
N ASP B 196 -13.02 -27.63 -8.11
CA ASP B 196 -14.03 -28.51 -8.69
C ASP B 196 -15.30 -27.72 -9.02
N ILE B 197 -15.75 -27.87 -10.26
CA ILE B 197 -16.99 -27.25 -10.72
C ILE B 197 -18.15 -28.23 -10.69
N ASP B 198 -17.89 -29.48 -11.08
CA ASP B 198 -18.84 -30.57 -10.95
C ASP B 198 -18.05 -31.88 -11.10
N GLU B 199 -18.76 -33.00 -11.04
CA GLU B 199 -18.09 -34.29 -11.08
C GLU B 199 -17.38 -34.54 -12.41
N ASN B 200 -17.65 -33.72 -13.43
CA ASN B 200 -17.06 -33.90 -14.75
C ASN B 200 -15.94 -32.91 -15.04
N ARG B 201 -16.03 -31.68 -14.55
CA ARG B 201 -15.13 -30.60 -14.94
C ARG B 201 -14.40 -30.06 -13.71
N THR B 202 -13.07 -30.03 -13.80
CA THR B 202 -12.24 -29.45 -12.75
C THR B 202 -11.25 -28.48 -13.37
N GLU B 203 -11.11 -27.31 -12.77
CA GLU B 203 -10.12 -26.32 -13.20
C GLU B 203 -8.83 -26.48 -12.39
N TYR B 204 -7.71 -26.19 -13.04
CA TYR B 204 -6.40 -26.24 -12.41
C TYR B 204 -5.70 -24.90 -12.58
N MET B 205 -4.72 -24.63 -11.72
CA MET B 205 -3.90 -23.45 -11.87
C MET B 205 -2.57 -23.67 -11.15
N VAL B 206 -1.56 -22.92 -11.59
CA VAL B 206 -0.27 -22.86 -10.93
C VAL B 206 0.06 -21.40 -10.67
N ALA B 207 0.97 -21.17 -9.72
CA ALA B 207 1.35 -19.82 -9.35
C ALA B 207 2.58 -19.86 -8.47
N SER B 208 3.26 -18.71 -8.37
CA SER B 208 4.49 -18.64 -7.59
C SER B 208 4.25 -18.82 -6.11
N GLU B 209 3.08 -18.41 -5.61
CA GLU B 209 2.77 -18.48 -4.19
C GLU B 209 1.32 -18.94 -4.01
N SER B 210 1.07 -19.51 -2.83
CA SER B 210 -0.24 -20.09 -2.55
C SER B 210 -1.32 -19.02 -2.38
N VAL B 211 -0.95 -17.77 -2.09
CA VAL B 211 -1.95 -16.73 -1.89
C VAL B 211 -2.76 -16.52 -3.16
N ALA B 212 -2.16 -16.77 -4.33
CA ALA B 212 -2.89 -16.65 -5.59
C ALA B 212 -3.96 -17.74 -5.72
N LEU B 213 -3.71 -18.91 -5.16
CA LEU B 213 -4.74 -19.95 -5.12
C LEU B 213 -5.86 -19.57 -4.15
N ASP B 214 -5.49 -19.12 -2.96
CA ASP B 214 -6.48 -18.76 -1.95
C ASP B 214 -7.46 -17.71 -2.47
N THR B 215 -6.93 -16.63 -3.06
CA THR B 215 -7.77 -15.49 -3.41
C THR B 215 -8.78 -15.83 -4.49
N LEU B 216 -8.51 -16.85 -5.30
CA LEU B 216 -9.44 -17.28 -6.35
C LEU B 216 -10.30 -18.45 -5.91
N GLY B 217 -10.08 -19.01 -4.72
CA GLY B 217 -10.85 -20.13 -4.25
C GLY B 217 -10.41 -21.47 -4.78
N PHE B 218 -9.12 -21.63 -5.06
CA PHE B 218 -8.57 -22.90 -5.50
C PHE B 218 -8.02 -23.67 -4.32
N ASP B 219 -8.32 -24.97 -4.28
CA ASP B 219 -7.77 -25.83 -3.24
C ASP B 219 -6.29 -26.07 -3.50
N PHE B 220 -5.47 -25.86 -2.46
CA PHE B 220 -4.05 -26.17 -2.56
C PHE B 220 -3.83 -27.67 -2.65
N LEU B 221 -3.08 -28.10 -3.66
CA LEU B 221 -2.69 -29.49 -3.79
C LEU B 221 -1.30 -29.73 -3.20
N ARG B 222 -0.28 -29.10 -3.78
CA ARG B 222 1.10 -29.31 -3.33
C ARG B 222 2.00 -28.37 -4.11
N ASP B 223 3.20 -28.18 -3.59
CA ASP B 223 4.27 -27.56 -4.36
C ASP B 223 4.64 -28.47 -5.53
N VAL B 224 4.94 -27.86 -6.67
CA VAL B 224 5.51 -28.62 -7.77
C VAL B 224 6.91 -29.07 -7.37
N ALA B 225 7.19 -30.35 -7.51
CA ALA B 225 8.42 -30.92 -6.99
C ALA B 225 9.62 -30.41 -7.79
N PRO B 226 10.81 -30.37 -7.17
CA PRO B 226 12.02 -30.01 -7.92
C PRO B 226 12.18 -30.88 -9.15
N GLY B 227 12.45 -30.24 -10.29
CA GLY B 227 12.61 -30.94 -11.55
C GLY B 227 11.34 -31.52 -12.14
N GLU B 228 10.22 -31.38 -11.45
CA GLU B 228 8.96 -31.96 -11.92
C GLU B 228 8.30 -31.08 -12.96
N ALA B 229 7.55 -31.72 -13.86
CA ALA B 229 6.78 -31.04 -14.89
C ALA B 229 5.30 -31.38 -14.74
N ILE B 230 4.45 -30.37 -14.86
CA ILE B 230 3.00 -30.54 -14.82
C ILE B 230 2.46 -30.25 -16.22
N TYR B 231 1.49 -31.06 -16.65
CA TYR B 231 0.82 -30.87 -17.94
C TYR B 231 -0.68 -31.00 -17.75
N ILE B 232 -1.42 -29.98 -18.19
CA ILE B 232 -2.87 -29.94 -18.05
C ILE B 232 -3.46 -29.72 -19.44
N THR B 233 -4.28 -30.66 -19.90
CA THR B 233 -4.79 -30.64 -21.25
C THR B 233 -6.00 -29.71 -21.37
N GLU B 234 -6.36 -29.39 -22.62
CA GLU B 234 -7.53 -28.57 -22.86
C GLU B 234 -8.81 -29.24 -22.38
N GLU B 235 -8.81 -30.57 -22.24
CA GLU B 235 -10.00 -31.27 -21.76
C GLU B 235 -10.13 -31.20 -20.24
N GLY B 236 -9.00 -31.07 -19.55
CA GLY B 236 -9.02 -30.93 -18.10
C GLY B 236 -8.38 -32.09 -17.37
N GLN B 237 -7.38 -32.71 -17.97
CA GLN B 237 -6.70 -33.85 -17.39
C GLN B 237 -5.30 -33.45 -16.92
N LEU B 238 -4.91 -33.93 -15.75
CA LEU B 238 -3.64 -33.61 -15.13
C LEU B 238 -2.68 -34.80 -15.27
N PHE B 239 -1.49 -34.52 -15.81
CA PHE B 239 -0.40 -35.49 -15.85
C PHE B 239 0.84 -34.87 -15.23
N THR B 240 1.74 -35.72 -14.77
CA THR B 240 3.01 -35.26 -14.21
C THR B 240 4.12 -36.21 -14.62
N ARG B 241 5.35 -35.81 -14.31
CA ARG B 241 6.55 -36.56 -14.64
C ARG B 241 7.72 -35.90 -13.94
N GLN B 242 8.68 -36.71 -13.48
CA GLN B 242 9.97 -36.18 -13.06
C GLN B 242 10.83 -36.00 -14.31
N CYS B 243 11.22 -34.76 -14.60
CA CYS B 243 11.91 -34.42 -15.82
C CYS B 243 13.35 -33.98 -15.59
N ALA B 244 13.87 -34.20 -14.40
CA ALA B 244 15.29 -33.97 -14.12
C ALA B 244 15.85 -35.17 -13.37
N ASP B 245 17.14 -35.41 -13.58
CA ASP B 245 17.87 -36.40 -12.81
C ASP B 245 18.53 -35.69 -11.63
N ASN B 246 18.59 -36.38 -10.51
CA ASN B 246 19.12 -35.80 -9.29
C ASN B 246 18.38 -34.52 -8.91
N PRO B 247 17.05 -34.52 -8.89
CA PRO B 247 16.34 -33.36 -8.36
C PRO B 247 16.55 -33.26 -6.85
N VAL B 248 16.66 -32.03 -6.36
CA VAL B 248 16.86 -31.78 -4.93
C VAL B 248 16.10 -30.52 -4.55
N SER B 249 15.79 -30.41 -3.26
CA SER B 249 15.03 -29.29 -2.74
C SER B 249 15.99 -28.33 -2.04
N ASN B 250 16.34 -27.25 -2.73
CA ASN B 250 17.17 -26.19 -2.17
C ASN B 250 16.43 -24.86 -2.33
N PRO B 251 15.28 -24.71 -1.64
CA PRO B 251 14.45 -23.53 -1.87
C PRO B 251 15.17 -22.24 -1.50
N CYS B 252 14.85 -21.18 -2.23
CA CYS B 252 15.45 -19.88 -2.00
C CYS B 252 15.13 -19.39 -0.59
N LEU B 253 16.18 -18.99 0.14
CA LEU B 253 16.00 -18.50 1.50
C LEU B 253 15.40 -17.10 1.50
N PHE B 254 15.70 -16.29 0.49
CA PHE B 254 15.19 -14.92 0.45
C PHE B 254 13.67 -14.87 0.38
N GLU B 255 13.05 -15.85 -0.29
CA GLU B 255 11.58 -15.90 -0.32
C GLU B 255 11.01 -15.81 1.09
N TYR B 256 11.64 -16.51 2.04
CA TYR B 256 11.16 -16.51 3.42
C TYR B 256 11.55 -15.25 4.17
N VAL B 257 12.67 -14.64 3.82
CA VAL B 257 13.18 -13.51 4.59
C VAL B 257 12.32 -12.28 4.36
N TYR B 258 11.98 -11.99 3.09
CA TYR B 258 11.21 -10.79 2.80
C TYR B 258 10.46 -10.81 1.48
N PHE B 259 10.88 -11.64 0.53
CA PHE B 259 10.36 -11.48 -0.83
C PHE B 259 8.94 -12.02 -0.98
N ALA B 260 8.62 -13.12 -0.31
CA ALA B 260 7.29 -13.71 -0.44
C ALA B 260 6.34 -13.09 0.58
N ARG B 261 5.05 -13.26 0.32
CA ARG B 261 4.05 -12.77 1.26
C ARG B 261 3.97 -13.69 2.48
N PRO B 262 3.65 -13.14 3.65
CA PRO B 262 3.70 -13.96 4.87
C PRO B 262 2.64 -15.05 4.92
N ASP B 263 1.50 -14.85 4.28
CA ASP B 263 0.42 -15.84 4.29
C ASP B 263 0.59 -16.93 3.25
N SER B 264 1.78 -17.05 2.66
CA SER B 264 2.05 -18.09 1.67
C SER B 264 2.74 -19.27 2.33
N PHE B 265 2.58 -20.45 1.71
CA PHE B 265 3.23 -21.68 2.15
C PHE B 265 4.12 -22.17 1.02
N ILE B 266 5.43 -22.05 1.18
CA ILE B 266 6.40 -22.42 0.16
C ILE B 266 7.10 -23.69 0.63
N ASP B 267 6.91 -24.78 -0.12
CA ASP B 267 7.45 -26.08 0.26
C ASP B 267 7.04 -26.44 1.68
N LYS B 268 5.76 -26.25 1.97
CA LYS B 268 5.14 -26.62 3.24
C LYS B 268 5.62 -25.78 4.41
N ILE B 269 6.19 -24.60 4.15
CA ILE B 269 6.71 -23.73 5.20
C ILE B 269 5.95 -22.41 5.16
N SER B 270 5.32 -22.06 6.28
CA SER B 270 4.66 -20.77 6.41
C SER B 270 5.70 -19.66 6.46
N VAL B 271 5.62 -18.72 5.51
CA VAL B 271 6.52 -17.58 5.53
C VAL B 271 6.36 -16.80 6.82
N TYR B 272 5.12 -16.66 7.29
CA TYR B 272 4.87 -15.95 8.55
C TYR B 272 5.57 -16.63 9.72
N SER B 273 5.33 -17.93 9.89
CA SER B 273 5.95 -18.65 11.01
C SER B 273 7.46 -18.63 10.91
N ALA B 274 8.00 -18.79 9.70
CA ALA B 274 9.44 -18.74 9.52
C ALA B 274 10.02 -17.41 10.00
N ARG B 275 9.36 -16.30 9.68
CA ARG B 275 9.89 -14.99 10.05
C ARG B 275 9.83 -14.77 11.55
N VAL B 276 8.76 -15.24 12.21
CA VAL B 276 8.72 -15.21 13.66
C VAL B 276 9.87 -16.00 14.25
N ASN B 277 10.12 -17.19 13.70
CA ASN B 277 11.25 -18.00 14.16
C ASN B 277 12.57 -17.25 13.96
N MET B 278 12.73 -16.59 12.82
CA MET B 278 13.93 -15.78 12.61
C MET B 278 14.09 -14.75 13.73
N GLY B 279 13.00 -14.09 14.12
CA GLY B 279 13.06 -13.14 15.21
C GLY B 279 13.36 -13.78 16.55
N THR B 280 12.85 -15.01 16.77
CA THR B 280 13.20 -15.74 17.99
C THR B 280 14.70 -16.01 18.02
N LYS B 281 15.25 -16.56 16.93
CA LYS B 281 16.68 -16.84 16.88
C LYS B 281 17.51 -15.58 17.08
N LEU B 282 17.13 -14.49 16.41
CA LEU B 282 17.89 -13.26 16.53
C LEU B 282 17.74 -12.64 17.91
N GLY B 283 16.54 -12.67 18.48
CA GLY B 283 16.36 -12.20 19.84
C GLY B 283 17.19 -12.99 20.83
N GLU B 284 17.34 -14.30 20.60
CA GLU B 284 18.21 -15.11 21.43
C GLU B 284 19.67 -14.72 21.25
N LYS B 285 20.11 -14.52 20.01
CA LYS B 285 21.48 -14.09 19.78
C LYS B 285 21.75 -12.72 20.38
N ILE B 286 20.77 -11.82 20.31
CA ILE B 286 20.96 -10.47 20.83
C ILE B 286 21.14 -10.51 22.34
N ALA B 287 20.25 -11.23 23.03
CA ALA B 287 20.33 -11.31 24.48
C ALA B 287 21.66 -11.91 24.94
N ARG B 288 22.21 -12.84 24.16
CA ARG B 288 23.45 -13.50 24.55
C ARG B 288 24.65 -12.57 24.35
N GLU B 289 24.76 -11.95 23.19
CA GLU B 289 25.94 -11.18 22.84
C GLU B 289 25.84 -9.72 23.23
N TRP B 290 24.64 -9.20 23.49
CA TRP B 290 24.43 -7.83 23.92
C TRP B 290 23.82 -7.77 25.32
N GLU B 291 24.11 -8.77 26.15
CA GLU B 291 23.61 -8.78 27.52
C GLU B 291 23.83 -7.44 28.21
N ASP B 292 24.98 -6.82 27.97
CA ASP B 292 25.39 -5.65 28.72
C ASP B 292 24.84 -4.34 28.16
N LEU B 293 24.15 -4.37 27.03
CA LEU B 293 23.70 -3.13 26.40
C LEU B 293 22.34 -2.70 26.93
N ASP B 294 22.13 -1.38 26.92
CA ASP B 294 20.90 -0.77 27.41
C ASP B 294 19.99 -0.46 26.23
N ILE B 295 18.95 -1.25 26.06
CA ILE B 295 17.99 -1.09 24.97
C ILE B 295 16.66 -0.64 25.56
N ASP B 296 16.17 0.51 25.10
CA ASP B 296 14.91 1.04 25.60
C ASP B 296 13.71 0.42 24.90
N VAL B 297 13.80 0.21 23.59
CA VAL B 297 12.65 -0.18 22.80
C VAL B 297 13.14 -0.85 21.53
N VAL B 298 12.32 -1.76 21.00
CA VAL B 298 12.56 -2.40 19.73
C VAL B 298 11.61 -1.79 18.71
N ILE B 299 12.16 -1.31 17.59
CA ILE B 299 11.40 -0.59 16.59
C ILE B 299 11.66 -1.24 15.23
N PRO B 300 10.66 -1.69 14.50
CA PRO B 300 10.88 -2.30 13.19
C PRO B 300 10.91 -1.29 12.05
N ILE B 301 11.77 -1.58 11.07
CA ILE B 301 11.75 -0.89 9.79
C ILE B 301 10.67 -1.57 8.95
N PRO B 302 9.48 -0.97 8.81
CA PRO B 302 8.37 -1.69 8.16
C PRO B 302 8.66 -1.97 6.69
N GLU B 303 7.92 -2.90 6.10
CA GLU B 303 6.81 -3.62 6.74
C GLU B 303 7.19 -5.04 7.12
N THR B 304 8.18 -5.59 6.41
CA THR B 304 8.51 -7.00 6.56
C THR B 304 8.91 -7.36 7.99
N SER B 305 9.50 -6.42 8.72
CA SER B 305 10.18 -6.73 9.97
C SER B 305 9.33 -6.46 11.21
N CYS B 306 8.06 -6.10 11.05
CA CYS B 306 7.24 -5.80 12.23
C CYS B 306 7.08 -7.02 13.12
N ASP B 307 6.77 -8.18 12.52
CA ASP B 307 6.59 -9.39 13.31
C ASP B 307 7.94 -9.90 13.83
N ILE B 308 9.00 -9.75 13.04
CA ILE B 308 10.33 -10.15 13.50
C ILE B 308 10.72 -9.34 14.72
N ALA B 309 10.53 -8.02 14.65
CA ALA B 309 10.87 -7.17 15.79
C ALA B 309 9.99 -7.46 16.99
N LEU B 310 8.71 -7.79 16.75
CA LEU B 310 7.82 -8.15 17.85
C LEU B 310 8.37 -9.33 18.64
N GLU B 311 8.85 -10.35 17.93
CA GLU B 311 9.39 -11.52 18.61
C GLU B 311 10.70 -11.19 19.32
N ILE B 312 11.55 -10.35 18.72
CA ILE B 312 12.77 -9.93 19.38
C ILE B 312 12.44 -9.20 20.68
N ALA B 313 11.51 -8.25 20.61
CA ALA B 313 11.10 -7.54 21.82
C ALA B 313 10.59 -8.49 22.89
N ARG B 314 9.94 -9.58 22.48
CA ARG B 314 9.46 -10.55 23.46
C ARG B 314 10.63 -11.27 24.12
N ILE B 315 11.56 -11.79 23.32
CA ILE B 315 12.71 -12.49 23.87
C ILE B 315 13.46 -11.60 24.84
N LEU B 316 13.60 -10.32 24.50
CA LEU B 316 14.36 -9.39 25.31
C LEU B 316 13.56 -8.79 26.45
N GLY B 317 12.27 -9.09 26.54
CA GLY B 317 11.43 -8.47 27.55
C GLY B 317 11.40 -6.96 27.48
N LYS B 318 11.38 -6.41 26.27
CA LYS B 318 11.42 -4.97 26.04
C LYS B 318 10.21 -4.53 25.23
N PRO B 319 9.83 -3.26 25.32
CA PRO B 319 8.64 -2.80 24.61
C PRO B 319 8.85 -2.71 23.11
N TYR B 320 7.79 -3.03 22.37
CA TYR B 320 7.72 -2.87 20.91
C TYR B 320 6.87 -1.65 20.57
N ARG B 321 7.36 -0.82 19.65
CA ARG B 321 6.66 0.41 19.31
C ARG B 321 6.85 0.74 17.85
N GLN B 322 5.80 1.30 17.24
CA GLN B 322 5.79 1.71 15.84
C GLN B 322 6.46 3.07 15.73
N GLY B 323 7.79 3.05 15.64
CA GLY B 323 8.56 4.26 15.53
C GLY B 323 8.68 4.76 14.10
N PHE B 324 8.66 3.83 13.15
CA PHE B 324 8.71 4.15 11.73
C PHE B 324 7.40 3.77 11.07
N VAL B 325 6.91 4.63 10.19
CA VAL B 325 5.72 4.38 9.40
C VAL B 325 6.13 4.47 7.93
N LYS B 326 5.77 3.45 7.16
CA LYS B 326 6.11 3.42 5.74
C LYS B 326 5.03 4.16 4.97
N ASN B 327 5.43 5.15 4.18
CA ASN B 327 4.47 5.87 3.37
C ASN B 327 3.88 4.92 2.35
N ARG B 328 2.56 4.79 2.36
CA ARG B 328 1.92 3.81 1.48
C ARG B 328 2.06 4.22 0.02
N TYR B 329 2.09 5.52 -0.25
CA TYR B 329 2.20 6.06 -1.61
C TYR B 329 3.46 6.91 -1.69
N VAL B 330 4.25 6.68 -2.74
CA VAL B 330 5.57 7.29 -2.86
C VAL B 330 5.57 8.44 -3.86
N GLY B 331 5.12 8.19 -5.08
CA GLY B 331 5.11 9.22 -6.09
C GLY B 331 6.47 9.43 -6.71
N ARG B 332 6.47 10.01 -7.91
CA ARG B 332 7.70 10.19 -8.67
C ARG B 332 8.29 11.56 -8.38
N THR B 333 9.61 11.66 -8.51
CA THR B 333 10.30 12.94 -8.42
C THR B 333 10.58 13.42 -9.83
N PHE B 334 10.07 14.61 -10.16
CA PHE B 334 10.19 15.13 -11.51
C PHE B 334 11.53 15.81 -11.70
N ILE B 335 12.15 15.55 -12.86
CA ILE B 335 13.39 16.23 -13.22
C ILE B 335 13.06 17.70 -13.47
N MET B 336 13.48 18.58 -12.55
CA MET B 336 13.02 19.96 -12.55
C MET B 336 14.18 20.89 -12.85
N PRO B 337 14.01 21.84 -13.78
CA PRO B 337 15.12 22.75 -14.10
C PRO B 337 15.16 23.98 -13.20
N GLY B 338 16.33 24.28 -12.65
CA GLY B 338 16.44 25.44 -11.78
C GLY B 338 15.64 25.34 -10.51
N GLN B 339 15.42 24.12 -10.01
CA GLN B 339 14.57 23.92 -8.85
C GLN B 339 15.22 23.03 -7.81
N GLN B 340 15.22 23.51 -6.57
CA GLN B 340 15.74 22.77 -5.43
C GLN B 340 14.70 21.76 -4.95
N LEU B 341 15.08 20.49 -4.91
CA LEU B 341 14.27 19.45 -4.26
C LEU B 341 15.00 19.11 -2.97
N ARG B 342 14.47 19.57 -1.85
CA ARG B 342 15.15 19.35 -0.56
C ARG B 342 14.49 18.25 0.26
N ARG B 343 13.55 17.51 -0.31
CA ARG B 343 13.02 16.34 0.38
C ARG B 343 14.12 15.28 0.39
N LYS B 344 14.26 14.57 1.49
CA LYS B 344 15.31 13.56 1.60
C LYS B 344 14.81 12.23 1.06
N SER B 345 15.72 11.47 0.45
CA SER B 345 15.34 10.24 -0.23
C SER B 345 14.81 9.21 0.74
N VAL B 346 15.26 9.24 1.98
CA VAL B 346 14.74 8.33 3.00
C VAL B 346 13.36 8.79 3.46
N ARG B 347 13.11 10.10 3.45
CA ARG B 347 11.80 10.62 3.83
C ARG B 347 10.73 10.22 2.83
N ARG B 348 11.11 9.94 1.59
CA ARG B 348 10.16 9.43 0.60
C ARG B 348 9.50 8.16 1.09
N LYS B 349 10.29 7.16 1.52
CA LYS B 349 9.72 5.89 1.91
C LYS B 349 9.17 5.90 3.34
N LEU B 350 9.90 6.51 4.28
CA LEU B 350 9.59 6.38 5.69
C LEU B 350 9.36 7.73 6.34
N ASN B 351 8.66 7.69 7.47
CA ASN B 351 8.50 8.84 8.36
C ASN B 351 8.69 8.36 9.79
N ALA B 352 9.21 9.24 10.63
CA ALA B 352 9.54 8.92 12.02
C ALA B 352 8.54 9.55 12.96
N ASN B 353 8.01 8.74 13.88
CA ASN B 353 7.18 9.24 14.97
C ASN B 353 8.11 9.82 16.02
N ARG B 354 8.21 11.15 16.06
CA ARG B 354 9.23 11.80 16.89
C ARG B 354 9.16 11.37 18.34
N ALA B 355 7.96 11.11 18.85
CA ALA B 355 7.80 10.83 20.28
C ALA B 355 8.36 9.46 20.68
N GLU B 356 8.57 8.56 19.72
CA GLU B 356 9.02 7.21 20.04
C GLU B 356 10.53 7.07 20.11
N PHE B 357 11.29 8.07 19.66
CA PHE B 357 12.74 8.00 19.68
C PHE B 357 13.39 8.91 20.71
N ARG B 358 12.73 10.00 21.10
CA ARG B 358 13.41 11.05 21.86
C ARG B 358 13.88 10.54 23.21
N ASP B 359 15.19 10.62 23.43
CA ASP B 359 15.81 10.25 24.70
C ASP B 359 15.63 8.76 25.01
N LYS B 360 15.92 7.93 24.02
CA LYS B 360 15.87 6.48 24.17
C LYS B 360 17.03 5.83 23.43
N ASN B 361 17.47 4.69 23.94
CA ASN B 361 18.38 3.80 23.23
C ASN B 361 17.53 2.82 22.43
N VAL B 362 17.51 2.98 21.11
CA VAL B 362 16.58 2.24 20.26
C VAL B 362 17.31 1.11 19.56
N LEU B 363 16.64 -0.03 19.40
CA LEU B 363 17.13 -1.15 18.62
C LEU B 363 16.26 -1.25 17.37
N LEU B 364 16.80 -0.81 16.23
CA LEU B 364 16.07 -0.90 14.97
C LEU B 364 16.25 -2.30 14.38
N VAL B 365 15.19 -2.81 13.78
CA VAL B 365 15.18 -4.13 13.16
C VAL B 365 14.79 -3.96 11.70
N ASP B 366 15.67 -4.38 10.80
CA ASP B 366 15.40 -4.39 9.37
C ASP B 366 15.55 -5.80 8.83
N ASP B 367 15.02 -6.02 7.63
CA ASP B 367 15.04 -7.36 7.05
C ASP B 367 16.40 -7.74 6.51
N SER B 368 17.17 -6.78 6.02
CA SER B 368 18.48 -7.07 5.45
C SER B 368 19.23 -5.76 5.23
N ILE B 369 20.52 -5.89 4.93
CA ILE B 369 21.38 -4.75 4.60
C ILE B 369 22.09 -5.10 3.30
N VAL B 370 21.93 -4.24 2.29
CA VAL B 370 22.52 -4.47 0.98
C VAL B 370 23.59 -3.44 0.71
N ARG B 371 23.18 -2.25 0.24
CA ARG B 371 24.15 -1.20 -0.05
C ARG B 371 24.66 -0.51 1.21
N GLY B 372 23.81 -0.37 2.22
CA GLY B 372 24.16 0.32 3.44
C GLY B 372 23.85 1.80 3.45
N THR B 373 23.78 2.43 2.28
CA THR B 373 23.38 3.83 2.22
C THR B 373 21.98 4.03 2.79
N THR B 374 21.08 3.09 2.51
CA THR B 374 19.73 3.17 3.08
C THR B 374 19.77 3.03 4.59
N SER B 375 20.46 2.01 5.09
CA SER B 375 20.58 1.81 6.53
C SER B 375 21.19 3.03 7.20
N GLU B 376 22.24 3.61 6.59
CA GLU B 376 22.84 4.83 7.14
C GLU B 376 21.79 5.92 7.30
N GLN B 377 20.96 6.13 6.27
CA GLN B 377 20.00 7.21 6.31
C GLN B 377 18.87 6.94 7.28
N ILE B 378 18.51 5.67 7.49
CA ILE B 378 17.48 5.35 8.48
C ILE B 378 18.01 5.59 9.89
N ILE B 379 19.25 5.20 10.15
CA ILE B 379 19.86 5.48 11.44
C ILE B 379 19.92 6.98 11.68
N GLU B 380 20.23 7.75 10.63
CA GLU B 380 20.26 9.20 10.75
C GLU B 380 18.89 9.75 11.13
N MET B 381 17.82 9.22 10.54
CA MET B 381 16.47 9.64 10.92
C MET B 381 16.25 9.45 12.41
N ALA B 382 16.62 8.28 12.95
CA ALA B 382 16.38 8.01 14.36
C ALA B 382 17.05 9.04 15.25
N ARG B 383 18.30 9.39 14.95
CA ARG B 383 19.01 10.38 15.75
C ARG B 383 18.31 11.73 15.68
N GLU B 384 17.94 12.17 14.48
CA GLU B 384 17.24 13.45 14.35
C GLU B 384 15.90 13.44 15.07
N ALA B 385 15.28 12.26 15.21
CA ALA B 385 14.04 12.16 15.95
C ALA B 385 14.26 12.23 17.47
N GLY B 386 15.51 12.12 17.92
CA GLY B 386 15.82 12.30 19.33
C GLY B 386 16.45 11.08 19.98
N ALA B 387 16.77 10.05 19.20
CA ALA B 387 17.36 8.86 19.76
C ALA B 387 18.79 9.13 20.23
N LYS B 388 19.17 8.51 21.34
CA LYS B 388 20.53 8.63 21.85
C LYS B 388 21.40 7.57 21.16
N LYS B 389 21.41 6.35 21.69
CA LYS B 389 22.09 5.24 21.04
C LYS B 389 21.12 4.55 20.08
N VAL B 390 21.61 4.25 18.88
CA VAL B 390 20.82 3.58 17.85
C VAL B 390 21.54 2.30 17.47
N TYR B 391 20.90 1.17 17.73
CA TYR B 391 21.42 -0.15 17.40
C TYR B 391 20.60 -0.75 16.27
N LEU B 392 21.26 -1.55 15.43
CA LEU B 392 20.63 -2.11 14.25
C LEU B 392 20.83 -3.62 14.22
N ALA B 393 19.75 -4.35 13.92
CA ALA B 393 19.78 -5.79 13.82
C ALA B 393 19.18 -6.20 12.48
N SER B 394 19.84 -7.13 11.79
CA SER B 394 19.42 -7.58 10.47
C SER B 394 18.86 -8.98 10.57
N ALA B 395 17.61 -9.15 10.11
CA ALA B 395 17.00 -10.47 10.12
C ALA B 395 17.76 -11.46 9.24
N ALA B 396 18.46 -10.96 8.22
CA ALA B 396 19.23 -11.80 7.33
C ALA B 396 20.72 -11.73 7.67
N PRO B 397 21.48 -12.77 7.39
CA PRO B 397 22.94 -12.68 7.52
C PRO B 397 23.51 -11.62 6.59
N GLU B 398 24.80 -11.33 6.77
CA GLU B 398 25.49 -10.43 5.86
C GLU B 398 25.33 -10.88 4.42
N ILE B 399 25.06 -9.93 3.54
CA ILE B 399 24.86 -10.20 2.12
C ILE B 399 26.15 -9.84 1.40
N ARG B 400 26.91 -10.86 0.98
CA ARG B 400 28.24 -10.64 0.42
C ARG B 400 28.36 -10.99 -1.05
N PHE B 401 27.38 -11.69 -1.63
CA PHE B 401 27.51 -12.14 -3.02
C PHE B 401 26.24 -11.84 -3.80
N PRO B 402 26.35 -11.64 -5.11
CA PRO B 402 25.16 -11.36 -5.92
C PRO B 402 24.32 -12.60 -6.14
N ASN B 403 23.02 -12.38 -6.28
CA ASN B 403 22.09 -13.45 -6.60
C ASN B 403 21.93 -13.57 -8.11
N VAL B 404 22.11 -14.79 -8.62
CA VAL B 404 21.99 -15.06 -10.05
C VAL B 404 20.84 -16.03 -10.33
N TYR B 405 19.88 -16.13 -9.41
CA TYR B 405 18.81 -17.12 -9.52
C TYR B 405 17.43 -16.47 -9.62
N GLY B 406 17.37 -15.18 -9.93
CA GLY B 406 16.11 -14.49 -10.15
C GLY B 406 15.86 -13.32 -9.23
N ILE B 407 16.61 -13.18 -8.15
CA ILE B 407 16.44 -12.08 -7.20
C ILE B 407 17.41 -10.99 -7.59
N ASP B 408 16.87 -9.85 -8.03
CA ASP B 408 17.71 -8.73 -8.45
C ASP B 408 18.53 -8.19 -7.28
N MET B 409 19.84 -8.14 -7.46
CA MET B 409 20.75 -7.63 -6.44
C MET B 409 21.95 -6.99 -7.12
N PRO B 410 22.59 -6.01 -6.49
CA PRO B 410 23.80 -5.42 -7.09
C PRO B 410 24.99 -6.36 -6.98
N SER B 411 26.06 -5.99 -7.68
CA SER B 411 27.27 -6.80 -7.70
C SER B 411 28.00 -6.71 -6.37
N ALA B 412 28.95 -7.64 -6.18
CA ALA B 412 29.59 -7.80 -4.88
C ALA B 412 30.30 -6.53 -4.44
N THR B 413 30.90 -5.80 -5.38
CA THR B 413 31.60 -4.56 -5.03
C THR B 413 30.66 -3.48 -4.53
N GLU B 414 29.36 -3.61 -4.77
CA GLU B 414 28.37 -2.66 -4.29
C GLU B 414 27.77 -3.07 -2.95
N LEU B 415 28.05 -4.29 -2.48
CA LEU B 415 27.53 -4.78 -1.22
C LEU B 415 28.45 -4.34 -0.09
N ILE B 416 27.89 -3.63 0.90
CA ILE B 416 28.71 -3.06 1.96
C ILE B 416 29.41 -4.16 2.74
N ALA B 417 28.74 -5.30 2.93
CA ALA B 417 29.31 -6.40 3.69
C ALA B 417 30.43 -7.11 2.96
N HIS B 418 30.64 -6.83 1.68
CA HIS B 418 31.63 -7.54 0.89
C HIS B 418 33.04 -7.17 1.33
N GLY B 419 33.78 -8.14 1.82
CA GLY B 419 35.15 -7.89 2.24
C GLY B 419 35.27 -7.03 3.48
N ARG B 420 34.29 -7.09 4.38
CA ARG B 420 34.30 -6.29 5.60
C ARG B 420 33.72 -7.11 6.74
N GLU B 421 34.26 -6.90 7.93
CA GLU B 421 33.69 -7.50 9.13
C GLU B 421 32.54 -6.62 9.65
N VAL B 422 31.85 -7.14 10.66
CA VAL B 422 30.65 -6.48 11.17
C VAL B 422 30.99 -5.08 11.67
N ASP B 423 32.06 -4.96 12.45
CA ASP B 423 32.36 -3.67 13.08
C ASP B 423 32.71 -2.59 12.07
N GLU B 424 33.40 -2.97 10.97
CA GLU B 424 33.67 -2.01 9.92
C GLU B 424 32.37 -1.46 9.34
N ILE B 425 31.44 -2.35 9.01
CA ILE B 425 30.13 -1.94 8.51
C ILE B 425 29.48 -0.98 9.49
N ARG B 426 29.48 -1.35 10.78
CA ARG B 426 28.91 -0.50 11.81
C ARG B 426 29.49 0.92 11.74
N GLN B 427 30.83 1.02 11.63
CA GLN B 427 31.45 2.33 11.58
C GLN B 427 31.01 3.12 10.35
N ILE B 428 30.78 2.43 9.23
CA ILE B 428 30.47 3.12 7.98
C ILE B 428 29.03 3.65 8.03
N ILE B 429 28.08 2.82 8.46
CA ILE B 429 26.68 3.24 8.45
C ILE B 429 26.32 4.14 9.62
N GLY B 430 27.20 4.26 10.62
CA GLY B 430 26.96 5.18 11.71
C GLY B 430 26.16 4.64 12.86
N ALA B 431 26.12 3.33 13.06
CA ALA B 431 25.39 2.73 14.15
C ALA B 431 26.27 2.66 15.40
N ASP B 432 25.63 2.72 16.55
CA ASP B 432 26.32 2.45 17.81
C ASP B 432 26.53 0.96 18.03
N GLY B 433 25.73 0.12 17.36
CA GLY B 433 25.93 -1.32 17.39
C GLY B 433 25.23 -1.96 16.22
N LEU B 434 25.84 -3.03 15.71
CA LEU B 434 25.32 -3.73 14.53
C LEU B 434 25.49 -5.21 14.75
N ILE B 435 24.43 -5.97 14.45
CA ILE B 435 24.42 -7.42 14.65
C ILE B 435 23.62 -8.05 13.52
N PHE B 436 24.05 -9.22 13.08
CA PHE B 436 23.43 -9.95 11.98
C PHE B 436 22.93 -11.31 12.45
N GLN B 437 21.84 -11.76 11.81
CA GLN B 437 21.41 -13.14 11.98
C GLN B 437 22.53 -14.09 11.56
N ASP B 438 22.74 -15.14 12.35
CA ASP B 438 23.66 -16.19 11.96
C ASP B 438 23.00 -17.07 10.91
N LEU B 439 23.73 -17.35 9.82
CA LEU B 439 23.15 -18.12 8.73
C LEU B 439 22.61 -19.46 9.25
N ASN B 440 23.32 -20.09 10.19
CA ASN B 440 22.86 -21.36 10.74
C ASN B 440 21.54 -21.17 11.48
N ASP B 441 21.38 -20.05 12.19
CA ASP B 441 20.12 -19.77 12.86
C ASP B 441 18.99 -19.54 11.86
N LEU B 442 19.28 -18.84 10.75
CA LEU B 442 18.27 -18.62 9.73
C LEU B 442 17.78 -19.94 9.15
N ILE B 443 18.71 -20.86 8.88
CA ILE B 443 18.34 -22.17 8.35
C ILE B 443 17.46 -22.90 9.35
N ASP B 444 17.84 -22.90 10.63
CA ASP B 444 17.04 -23.57 11.65
C ASP B 444 15.63 -23.00 11.69
N ALA B 445 15.51 -21.67 11.65
CA ALA B 445 14.18 -21.04 11.77
C ALA B 445 13.27 -21.49 10.64
N VAL B 446 13.78 -21.52 9.40
CA VAL B 446 12.96 -21.96 8.28
C VAL B 446 12.82 -23.47 8.30
N ARG B 447 13.89 -24.19 8.66
CA ARG B 447 13.87 -25.65 8.68
C ARG B 447 12.93 -26.20 9.74
N ALA B 448 12.68 -25.44 10.82
CA ALA B 448 11.79 -25.92 11.86
C ALA B 448 10.39 -26.21 11.32
N GLU B 449 9.93 -25.39 10.37
CA GLU B 449 8.58 -25.56 9.84
C GLU B 449 8.49 -26.78 8.93
N ASN B 450 9.61 -27.28 8.43
CA ASN B 450 9.63 -28.49 7.61
C ASN B 450 11.02 -29.12 7.61
N PRO B 451 11.32 -30.01 8.57
CA PRO B 451 12.69 -30.58 8.62
C PRO B 451 13.05 -31.42 7.41
N ASP B 452 12.10 -31.76 6.53
CA ASP B 452 12.44 -32.52 5.34
C ASP B 452 13.39 -31.75 4.44
N ILE B 453 13.33 -30.42 4.47
CA ILE B 453 14.24 -29.59 3.70
C ILE B 453 15.58 -29.62 4.40
N GLN B 454 16.58 -30.21 3.74
CA GLN B 454 17.91 -30.34 4.33
C GLN B 454 18.77 -29.10 4.09
N GLN B 455 18.78 -28.58 2.87
CA GLN B 455 19.59 -27.43 2.54
C GLN B 455 18.77 -26.44 1.73
N PHE B 456 19.20 -25.18 1.78
CA PHE B 456 18.58 -24.09 1.06
C PHE B 456 19.57 -23.46 0.10
N GLU B 457 19.06 -22.61 -0.79
CA GLU B 457 19.90 -21.79 -1.66
C GLU B 457 20.39 -20.59 -0.86
N CYS B 458 21.69 -20.57 -0.55
CA CYS B 458 22.26 -19.56 0.33
C CYS B 458 23.37 -18.75 -0.34
N SER B 459 23.39 -18.71 -1.68
CA SER B 459 24.55 -18.17 -2.38
C SER B 459 24.87 -16.75 -1.94
N VAL B 460 23.86 -15.92 -1.76
CA VAL B 460 24.10 -14.51 -1.45
C VAL B 460 24.81 -14.33 -0.11
N PHE B 461 24.69 -15.30 0.80
CA PHE B 461 25.29 -15.17 2.11
C PHE B 461 26.69 -15.80 2.16
N ASN B 462 26.85 -16.97 1.54
CA ASN B 462 28.09 -17.73 1.65
C ASN B 462 28.81 -17.94 0.34
N GLY B 463 28.24 -17.51 -0.78
CA GLY B 463 28.87 -17.69 -2.08
C GLY B 463 28.77 -19.08 -2.66
N VAL B 464 28.08 -20.00 -2.01
CA VAL B 464 27.93 -21.36 -2.51
C VAL B 464 26.82 -21.36 -3.56
N TYR B 465 27.20 -21.49 -4.82
CA TYR B 465 26.25 -21.50 -5.93
C TYR B 465 25.97 -22.96 -6.29
N VAL B 466 24.73 -23.39 -6.09
CA VAL B 466 24.37 -24.79 -6.26
C VAL B 466 24.47 -25.23 -7.71
N THR B 467 24.42 -24.30 -8.67
CA THR B 467 24.51 -24.65 -10.08
C THR B 467 25.95 -24.86 -10.52
N LYS B 468 26.91 -24.21 -9.88
CA LYS B 468 28.33 -24.44 -10.10
C LYS B 468 28.78 -23.97 -11.48
N ASP B 469 28.18 -22.89 -12.00
CA ASP B 469 28.64 -22.33 -13.27
C ASP B 469 28.73 -20.80 -13.18
N VAL B 470 28.88 -20.25 -11.97
CA VAL B 470 28.99 -18.82 -11.79
C VAL B 470 30.48 -18.49 -11.79
N ASP B 471 30.97 -18.02 -12.92
CA ASP B 471 32.36 -17.62 -13.06
C ASP B 471 32.44 -16.13 -13.40
N GLN B 472 33.66 -15.62 -13.51
CA GLN B 472 33.86 -14.21 -13.79
C GLN B 472 33.26 -13.83 -15.15
N GLY B 473 33.23 -14.78 -16.09
CA GLY B 473 32.68 -14.49 -17.40
C GLY B 473 31.18 -14.23 -17.37
N TYR B 474 30.44 -14.98 -16.55
CA TYR B 474 29.01 -14.72 -16.44
C TYR B 474 28.76 -13.38 -15.76
N LEU B 475 29.60 -13.02 -14.78
CA LEU B 475 29.43 -11.75 -14.09
C LEU B 475 29.67 -10.57 -15.03
N ASP B 476 30.62 -10.69 -15.96
CA ASP B 476 30.82 -9.62 -16.93
C ASP B 476 29.66 -9.55 -17.90
N PHE B 477 29.10 -10.71 -18.26
CA PHE B 477 27.91 -10.72 -19.12
C PHE B 477 26.76 -9.97 -18.47
N LEU B 478 26.62 -10.11 -17.15
CA LEU B 478 25.52 -9.43 -16.45
C LEU B 478 25.76 -7.93 -16.36
N ASP B 479 27.00 -7.51 -16.11
CA ASP B 479 27.29 -6.09 -16.06
C ASP B 479 27.17 -5.44 -17.43
N THR B 480 27.34 -6.21 -18.51
CA THR B 480 27.07 -5.68 -19.84
C THR B 480 25.57 -5.46 -20.03
N LEU B 481 24.75 -6.43 -19.63
CA LEU B 481 23.31 -6.27 -19.72
C LEU B 481 22.83 -5.08 -18.90
N ARG B 482 23.42 -4.86 -17.72
CA ARG B 482 23.04 -3.72 -16.90
C ARG B 482 23.44 -2.41 -17.56
N ASN B 483 24.56 -2.40 -18.30
CA ASN B 483 24.99 -1.19 -19.00
C ASN B 483 24.00 -0.82 -20.11
N ASP B 484 23.62 -1.80 -20.94
CA ASP B 484 22.70 -1.50 -22.04
C ASP B 484 21.30 -1.19 -21.53
N ASP B 485 20.88 -1.83 -20.43
CA ASP B 485 19.59 -1.52 -19.84
C ASP B 485 19.53 -0.07 -19.38
N ALA B 486 20.62 0.43 -18.78
CA ALA B 486 20.65 1.81 -18.31
C ALA B 486 20.59 2.79 -19.48
N LYS B 487 21.28 2.46 -20.59
CA LYS B 487 21.27 3.35 -21.74
C LYS B 487 19.89 3.40 -22.40
N ALA B 488 19.16 2.29 -22.36
CA ALA B 488 17.80 2.28 -22.91
C ALA B 488 16.85 3.08 -22.01
N VAL B 489 16.97 2.92 -20.69
CA VAL B 489 16.13 3.69 -19.77
C VAL B 489 16.46 5.17 -19.86
N GLN B 490 17.75 5.51 -19.97
CA GLN B 490 18.15 6.91 -20.12
C GLN B 490 17.54 7.50 -21.37
N ARG B 491 17.55 6.76 -22.48
CA ARG B 491 17.02 7.28 -23.74
C ARG B 491 15.52 7.51 -23.67
N GLN B 492 14.79 6.72 -22.87
CA GLN B 492 13.35 6.97 -22.72
C GLN B 492 13.10 8.29 -22.00
N ASN B 493 13.83 8.56 -20.92
CA ASN B 493 13.64 9.82 -20.20
C ASN B 493 14.12 11.01 -21.04
N GLU B 494 15.24 10.84 -21.76
CA GLU B 494 15.68 11.90 -22.66
C GLU B 494 14.54 12.32 -23.59
N VAL B 495 13.85 11.34 -24.17
CA VAL B 495 12.80 11.60 -25.15
C VAL B 495 11.46 11.92 -24.51
N GLU B 496 11.24 11.49 -23.27
CA GLU B 496 10.06 11.94 -22.53
C GLU B 496 10.27 13.40 -22.14
MG MG C . -8.24 15.41 -18.73
O3 N7Y D . -5.58 15.58 -21.37
C4 N7Y D . -5.19 22.70 -19.07
C5 N7Y D . -5.20 20.97 -20.93
O4 N7Y D . -3.83 16.31 -19.36
C6 N7Y D . -5.05 19.74 -20.01
N1 N7Y D . -2.44 25.31 -21.34
C7 N7Y D . -6.30 18.96 -20.37
C8 N7Y D . -7.32 20.06 -20.60
N2 N7Y D . -3.34 23.17 -21.99
C9 N7Y D . -7.92 20.64 -19.34
O5 N7Y D . -4.03 13.90 -20.08
O6 N7Y D . -5.88 14.98 -18.75
N3 N7Y D . -4.68 23.86 -18.75
O7 N7Y D . -8.01 16.27 -21.12
O8 N7Y D . -8.97 19.77 -18.85
N4 N7Y D . -4.80 22.23 -20.29
N N7Y D . -2.92 26.32 -19.33
C N7Y D . -3.09 25.30 -20.15
O N7Y D . -3.88 19.01 -20.37
C1 N7Y D . -2.61 24.28 -22.17
C2 N7Y D . -3.97 23.19 -20.81
C3 N7Y D . -3.89 24.19 -19.86
O1 N7Y D . -6.15 18.12 -21.53
O10 N7Y D . -11.84 18.10 -19.31
O11 N7Y D . -12.44 16.86 -17.20
O12 N7Y D . -10.63 15.98 -18.72
O13 N7Y D . -7.87 17.77 -17.82
O14 N7Y D . -8.40 19.81 -16.41
O15 N7Y D . -6.57 21.07 -21.29
O2 N7Y D . -6.81 16.45 -23.37
O9 N7Y D . -10.24 18.36 -17.30
P N7Y D . -6.76 16.51 -21.89
P1 N7Y D . -4.76 15.18 -19.75
P2 N7Y D . -8.76 18.91 -17.52
P3 N7Y D . -11.36 17.21 -18.21
H7 N7Y D . -5.87 22.14 -18.41
H N7Y D . -4.63 20.89 -21.86
H1 N7Y D . -4.99 20.05 -18.97
H2 N7Y D . -6.64 18.31 -19.55
H3 N7Y D . -8.15 19.75 -21.25
H9 N7Y D . -8.34 21.63 -19.54
H10 N7Y D . -7.17 20.76 -18.57
H5 N7Y D . -2.31 27.10 -19.61
H4 N7Y D . -3.38 26.34 -18.42
H8 N7Y D . -3.17 19.71 -20.39
H6 N7Y D . -2.08 24.30 -23.11
MG MG E . 1.21 1.35 -25.59
O3 N7Y F . -2.10 2.61 -26.69
C4 N7Y F . -2.69 -4.30 -29.66
C5 N7Y F . -3.02 -1.79 -29.83
O4 N7Y F . -3.27 0.62 -25.17
C6 N7Y F . -2.76 -1.48 -28.34
N1 N7Y F . -6.24 -5.05 -32.19
C7 N7Y F . -1.58 -0.51 -28.44
C8 N7Y F . -0.81 -1.04 -29.64
N2 N7Y F . -5.33 -2.92 -31.51
C9 N7Y F . 0.08 -2.22 -29.34
O5 N7Y F . -2.92 2.92 -24.21
O6 N7Y F . -0.95 1.40 -24.56
N3 N7Y F . -3.23 -5.43 -30.06
O7 N7Y F . 0.16 2.16 -27.73
O8 N7Y F . 1.32 -1.75 -28.74
N4 N7Y F . -3.35 -3.18 -30.10
N N7Y F . -5.35 -7.08 -31.58
C N7Y F . -5.30 -5.75 -31.53
O N7Y F . -3.89 -0.87 -27.74
C1 N7Y F . -6.19 -3.70 -32.14
C2 N7Y F . -4.40 -3.65 -30.86
C3 N7Y F . -4.31 -5.03 -30.82
O1 N7Y F . -1.96 0.87 -28.65
O10 N7Y F . 4.18 0.14 -28.79
O11 N7Y F . 5.43 -0.25 -26.63
O12 N7Y F . 3.37 1.22 -26.64
O13 N7Y F . 0.80 -1.05 -26.39
O14 N7Y F . 1.54 -3.43 -26.90
O15 N7Y F . -1.85 -1.45 -30.55
O2 N7Y F . -1.65 3.38 -29.03
O9 N7Y F . 3.15 -1.52 -27.09
P N7Y F . -1.27 2.36 -28.04
P1 N7Y F . -2.32 1.79 -25.03
P2 N7Y F . 1.63 -1.98 -27.19
P3 N7Y F . 4.09 0.04 -27.27
H7 N7Y F . -1.80 -4.25 -29.03
H N7Y F . -3.83 -1.19 -30.24
H1 N7Y F . -2.51 -2.41 -27.80
H2 N7Y F . -0.97 -0.52 -27.54
H3 N7Y F . -0.21 -0.29 -30.14
H9 N7Y F . 0.32 -2.79 -30.24
H10 N7Y F . -0.40 -2.91 -28.64
H5 N7Y F . -6.08 -7.53 -32.11
H4 N7Y F . -4.66 -7.63 -31.09
H8 N7Y F . -4.65 -1.42 -28.08
H6 N7Y F . -6.96 -3.16 -32.68
#